data_5MYX
#
_entry.id   5MYX
#
_cell.length_a   115.611
_cell.length_b   95.935
_cell.length_c   90.371
_cell.angle_alpha   90.000
_cell.angle_beta   101.170
_cell.angle_gamma   90.000
#
_symmetry.space_group_name_H-M   'C 1 2 1'
#
loop_
_entity.id
_entity.type
_entity.pdbx_description
1 polymer 'Fab c#24 light chain'
2 polymer 'Fab c#24 heavy chain'
3 polymer 'Pyroglutamate-Abeta pE3-18'
4 water water
#
loop_
_entity_poly.entity_id
_entity_poly.type
_entity_poly.pdbx_seq_one_letter_code
_entity_poly.pdbx_strand_id
1 'polypeptide(L)'
;DVVLTQTPLTLSVTIGQPASISCKSSQSLLYSNGKTYLNWLLQRPGQSPKRLIYVVSKLDSGVPDRFTGSGSGTDFTLKI
SRVEAEDLGVYYCVQGTHFPFTFGSGTKLEIKRADAAPTVSIFPPSSEQLTSGGASVVCFLNNFYPKDINVKWKIDGSER
QNGVLNSWTDQDSKDSTYSMSSTLTLTKDEYERHNSYTCEATHKTSTSPIVKSFNRNEC
;
A,C
2 'polypeptide(L)'
;(PCA)VQLQQSGAELVRPGSSVKISCKASGYIFNNYWINWVKQRPGQGLEWIGQIYPGDGDTNYNGKFKGKATLTADKSS
STAYMQLSSLTSEDSAVYFCAREGYIVYWGQGTLVTVSAAKTTPPSVYPLAPGSAAQTNSMVTLGCLVKGYFPEPVTVTW
NSGSLSSGVHTFPAVLQSDLYTLSSSVTVPSSTWPSETVTCNVAHPASSTKVDKKIVPRDCGCKPCICTVPEVSSVFIFP
PKPKDVLTITLT
;
B,D
3 'polypeptide(L)' (PCA)FRHDSGYEVHHQKLV E,F
#
# COMPACT_ATOMS: atom_id res chain seq x y z
N ASP A 1 -21.71 3.84 -18.99
CA ASP A 1 -21.33 5.19 -18.61
C ASP A 1 -20.33 5.74 -19.62
N VAL A 2 -20.26 7.07 -19.70
CA VAL A 2 -19.30 7.72 -20.60
C VAL A 2 -17.89 7.51 -20.04
N VAL A 3 -17.03 6.92 -20.85
CA VAL A 3 -15.63 6.70 -20.49
C VAL A 3 -14.82 7.82 -21.12
N LEU A 4 -14.07 8.55 -20.28
CA LEU A 4 -13.22 9.65 -20.74
C LEU A 4 -11.76 9.22 -20.61
N THR A 5 -11.05 9.21 -21.73
CA THR A 5 -9.68 8.72 -21.78
C THR A 5 -8.73 9.89 -21.98
N GLN A 6 -7.87 10.13 -20.99
CA GLN A 6 -6.92 11.23 -21.03
C GLN A 6 -5.53 10.73 -21.41
N THR A 7 -4.86 11.47 -22.29
CA THR A 7 -3.48 11.17 -22.69
C THR A 7 -2.72 12.49 -22.78
N PRO A 8 -1.49 12.55 -22.27
CA PRO A 8 -0.85 11.48 -21.50
C PRO A 8 -1.36 11.46 -20.06
N LEU A 9 -0.99 10.43 -19.30
CA LEU A 9 -1.40 10.39 -17.89
C LEU A 9 -0.45 11.17 -16.99
N THR A 10 0.76 11.48 -17.45
CA THR A 10 1.68 12.34 -16.74
C THR A 10 2.38 13.26 -17.72
N LEU A 11 2.70 14.47 -17.27
CA LEU A 11 3.44 15.47 -18.03
C LEU A 11 4.59 15.97 -17.17
N SER A 12 5.76 16.16 -17.78
CA SER A 12 6.87 16.84 -17.14
C SER A 12 7.29 17.98 -18.05
N VAL A 13 7.03 19.21 -17.62
CA VAL A 13 7.13 20.37 -18.50
C VAL A 13 8.07 21.41 -17.89
N THR A 14 9.00 21.91 -18.70
CA THR A 14 9.86 23.01 -18.29
C THR A 14 9.09 24.32 -18.26
N ILE A 15 9.43 25.17 -17.30
CA ILE A 15 8.81 26.49 -17.16
C ILE A 15 8.95 27.25 -18.47
N GLY A 16 7.85 27.81 -18.94
CA GLY A 16 7.83 28.55 -20.19
C GLY A 16 7.44 27.73 -21.39
N GLN A 17 7.52 26.40 -21.32
CA GLN A 17 7.12 25.56 -22.43
C GLN A 17 5.60 25.36 -22.42
N PRO A 18 5.01 25.11 -23.58
CA PRO A 18 3.59 24.78 -23.66
C PRO A 18 3.34 23.32 -23.31
N ALA A 19 2.07 23.00 -23.08
CA ALA A 19 1.66 21.63 -22.82
C ALA A 19 0.25 21.42 -23.36
N SER A 20 -0.10 20.15 -23.59
N SER A 20 -0.08 20.17 -23.62
CA SER A 20 -1.40 19.79 -24.17
CA SER A 20 -1.43 19.83 -24.05
C SER A 20 -1.88 18.45 -23.58
C SER A 20 -1.85 18.52 -23.41
N ILE A 21 -3.16 18.39 -23.20
CA ILE A 21 -3.77 17.17 -22.68
C ILE A 21 -4.94 16.81 -23.57
N SER A 22 -5.02 15.54 -23.98
CA SER A 22 -6.10 15.05 -24.82
C SER A 22 -7.13 14.35 -23.93
N CYS A 23 -8.40 14.55 -24.25
CA CYS A 23 -9.50 13.85 -23.60
C CYS A 23 -10.46 13.36 -24.68
N LYS A 24 -10.66 12.05 -24.75
CA LYS A 24 -11.50 11.44 -25.77
C LYS A 24 -12.65 10.68 -25.11
N SER A 25 -13.85 10.90 -25.62
CA SER A 25 -15.07 10.37 -25.01
C SER A 25 -15.57 9.17 -25.79
N SER A 26 -16.19 8.24 -25.08
CA SER A 26 -16.81 7.07 -25.70
C SER A 26 -18.17 7.37 -26.30
N GLN A 27 -18.73 8.56 -26.07
CA GLN A 27 -20.02 8.95 -26.62
C GLN A 27 -19.96 10.43 -26.98
N SER A 28 -20.79 10.82 -27.94
CA SER A 28 -20.98 12.24 -28.22
C SER A 28 -21.35 12.97 -26.94
N LEU A 29 -20.74 14.13 -26.73
CA LEU A 29 -21.07 14.97 -25.60
C LEU A 29 -21.95 16.15 -25.99
N LEU A 30 -22.52 16.13 -27.20
CA LEU A 30 -23.44 17.16 -27.63
C LEU A 30 -24.79 16.94 -26.97
N TYR A 31 -25.28 17.95 -26.25
CA TYR A 31 -26.55 17.85 -25.55
C TYR A 31 -27.68 18.40 -26.41
N SER A 32 -28.91 18.18 -25.95
CA SER A 32 -30.09 18.52 -26.75
C SER A 32 -30.21 20.01 -27.01
N ASN A 33 -29.66 20.84 -26.12
CA ASN A 33 -29.75 22.28 -26.23
C ASN A 33 -28.66 22.89 -27.11
N GLY A 34 -27.83 22.06 -27.75
CA GLY A 34 -26.75 22.55 -28.57
C GLY A 34 -25.43 22.72 -27.84
N LYS A 35 -25.40 22.52 -26.53
CA LYS A 35 -24.18 22.69 -25.75
C LYS A 35 -23.47 21.35 -25.56
N THR A 36 -22.17 21.42 -25.34
CA THR A 36 -21.34 20.24 -25.13
C THR A 36 -20.69 20.35 -23.75
N TYR A 37 -21.19 19.55 -22.80
CA TYR A 37 -20.80 19.66 -21.39
C TYR A 37 -19.53 18.86 -21.11
N LEU A 38 -18.43 19.34 -21.70
CA LEU A 38 -17.09 18.84 -21.43
C LEU A 38 -16.32 19.96 -20.76
N ASN A 39 -15.92 19.75 -19.51
CA ASN A 39 -15.26 20.77 -18.71
C ASN A 39 -13.92 20.24 -18.23
N TRP A 40 -13.08 21.15 -17.75
CA TRP A 40 -11.74 20.80 -17.26
C TRP A 40 -11.54 21.35 -15.86
N LEU A 41 -11.01 20.49 -14.98
CA LEU A 41 -10.70 20.83 -13.61
C LEU A 41 -9.22 20.65 -13.34
N LEU A 42 -8.73 21.36 -12.32
CA LEU A 42 -7.38 21.19 -11.80
C LEU A 42 -7.48 20.97 -10.30
N GLN A 43 -6.75 19.98 -9.76
CA GLN A 43 -6.64 19.80 -8.32
C GLN A 43 -5.18 19.74 -7.92
N ARG A 44 -4.73 20.69 -7.14
CA ARG A 44 -3.43 20.65 -6.50
C ARG A 44 -3.47 19.76 -5.27
N PRO A 45 -2.37 19.08 -4.94
CA PRO A 45 -2.28 18.45 -3.62
C PRO A 45 -2.51 19.50 -2.55
N GLY A 46 -3.34 19.16 -1.58
CA GLY A 46 -3.67 20.05 -0.50
C GLY A 46 -4.85 20.97 -0.76
N GLN A 47 -5.44 20.93 -1.96
CA GLN A 47 -6.51 21.86 -2.33
C GLN A 47 -7.74 21.10 -2.81
N SER A 48 -8.88 21.79 -2.76
CA SER A 48 -10.06 21.33 -3.46
C SER A 48 -9.88 21.51 -4.96
N PRO A 49 -10.61 20.75 -5.78
CA PRO A 49 -10.56 20.98 -7.23
C PRO A 49 -11.08 22.36 -7.56
N LYS A 50 -10.71 22.84 -8.75
CA LYS A 50 -11.24 24.07 -9.32
C LYS A 50 -11.51 23.86 -10.80
N ARG A 51 -12.57 24.48 -11.30
CA ARG A 51 -12.88 24.41 -12.72
C ARG A 51 -12.14 25.51 -13.47
N LEU A 52 -11.53 25.14 -14.59
CA LEU A 52 -10.78 26.06 -15.43
C LEU A 52 -11.50 26.43 -16.71
N ILE A 53 -12.16 25.46 -17.33
CA ILE A 53 -12.80 25.58 -18.63
C ILE A 53 -14.16 24.88 -18.52
N TYR A 54 -15.20 25.49 -19.11
CA TYR A 54 -16.51 24.86 -19.16
C TYR A 54 -17.04 24.93 -20.60
N VAL A 55 -17.94 24.02 -20.92
CA VAL A 55 -18.46 23.81 -22.28
C VAL A 55 -17.38 23.97 -23.34
N VAL A 56 -16.34 23.14 -23.24
CA VAL A 56 -15.27 22.98 -24.23
C VAL A 56 -14.24 24.10 -24.20
N SER A 57 -14.69 25.36 -24.26
CA SER A 57 -13.76 26.45 -24.52
C SER A 57 -13.96 27.71 -23.67
N LYS A 58 -14.98 27.78 -22.81
CA LYS A 58 -15.18 29.00 -22.02
C LYS A 58 -14.27 28.99 -20.80
N LEU A 59 -13.59 30.11 -20.58
CA LEU A 59 -12.57 30.22 -19.54
C LEU A 59 -13.22 30.74 -18.27
N ASP A 60 -13.00 30.04 -17.16
CA ASP A 60 -13.49 30.54 -15.88
C ASP A 60 -12.86 31.88 -15.53
N SER A 61 -13.64 32.75 -14.90
CA SER A 61 -13.12 34.04 -14.50
C SER A 61 -12.00 33.86 -13.50
N GLY A 62 -10.93 34.64 -13.69
CA GLY A 62 -9.76 34.54 -12.84
C GLY A 62 -8.73 33.54 -13.31
N VAL A 63 -9.07 32.68 -14.25
CA VAL A 63 -8.12 31.70 -14.79
C VAL A 63 -7.35 32.39 -15.91
N PRO A 64 -6.02 32.27 -15.93
CA PRO A 64 -5.23 32.94 -16.96
C PRO A 64 -5.57 32.46 -18.36
N ASP A 65 -5.57 33.38 -19.32
CA ASP A 65 -5.81 33.00 -20.71
C ASP A 65 -4.69 32.17 -21.33
N ARG A 66 -3.64 31.85 -20.57
CA ARG A 66 -2.72 30.81 -20.97
C ARG A 66 -3.43 29.49 -21.19
N PHE A 67 -4.59 29.29 -20.57
CA PHE A 67 -5.36 28.05 -20.69
C PHE A 67 -6.41 28.24 -21.78
N THR A 68 -6.44 27.33 -22.74
CA THR A 68 -7.50 27.29 -23.74
C THR A 68 -7.99 25.86 -23.92
N GLY A 69 -9.24 25.73 -24.30
CA GLY A 69 -9.83 24.43 -24.58
C GLY A 69 -10.47 24.41 -25.96
N SER A 70 -10.45 23.22 -26.56
CA SER A 70 -11.02 23.06 -27.89
C SER A 70 -11.57 21.64 -28.02
N GLY A 71 -12.31 21.41 -29.10
CA GLY A 71 -12.80 20.10 -29.42
C GLY A 71 -14.28 20.11 -29.73
N SER A 72 -14.78 18.93 -30.08
CA SER A 72 -16.18 18.74 -30.42
C SER A 72 -16.46 17.25 -30.45
N GLY A 73 -17.74 16.91 -30.31
CA GLY A 73 -18.17 15.54 -30.41
C GLY A 73 -17.53 14.64 -29.37
N THR A 74 -16.37 14.05 -29.72
CA THR A 74 -15.71 13.11 -28.83
C THR A 74 -14.23 13.39 -28.58
N ASP A 75 -13.61 14.36 -29.27
CA ASP A 75 -12.18 14.63 -29.13
C ASP A 75 -12.02 16.03 -28.55
N PHE A 76 -11.32 16.14 -27.42
CA PHE A 76 -11.17 17.42 -26.75
C PHE A 76 -9.72 17.60 -26.32
N THR A 77 -9.29 18.86 -26.23
CA THR A 77 -7.93 19.18 -25.84
C THR A 77 -7.90 20.37 -24.89
N LEU A 78 -7.10 20.26 -23.83
CA LEU A 78 -6.71 21.40 -23.00
C LEU A 78 -5.29 21.80 -23.33
N LYS A 79 -5.08 23.08 -23.60
CA LYS A 79 -3.77 23.61 -23.96
C LYS A 79 -3.33 24.70 -22.98
N ILE A 80 -2.06 24.67 -22.63
CA ILE A 80 -1.42 25.69 -21.80
C ILE A 80 -0.32 26.32 -22.64
N SER A 81 -0.41 27.63 -22.87
CA SER A 81 0.48 28.27 -23.84
C SER A 81 1.90 28.36 -23.32
N ARG A 82 2.05 28.58 -22.01
CA ARG A 82 3.35 28.58 -21.35
C ARG A 82 3.11 28.19 -19.90
N VAL A 83 3.79 27.16 -19.46
CA VAL A 83 3.57 26.62 -18.12
C VAL A 83 4.33 27.46 -17.10
N GLU A 84 3.67 27.71 -15.97
CA GLU A 84 4.27 28.37 -14.81
C GLU A 84 4.26 27.41 -13.63
N ALA A 85 5.08 27.72 -12.63
CA ALA A 85 5.27 26.79 -11.51
C ALA A 85 3.95 26.48 -10.82
N GLU A 86 3.04 27.43 -10.78
N GLU A 86 3.04 27.43 -10.77
CA GLU A 86 1.79 27.27 -10.05
CA GLU A 86 1.79 27.26 -10.05
C GLU A 86 0.75 26.42 -10.80
C GLU A 86 0.81 26.32 -10.76
N ASP A 87 1.06 25.96 -12.02
CA ASP A 87 0.16 25.11 -12.77
C ASP A 87 0.25 23.64 -12.38
N LEU A 88 1.13 23.27 -11.46
CA LEU A 88 1.30 21.86 -11.10
C LEU A 88 0.02 21.30 -10.49
N GLY A 89 -0.20 20.01 -10.70
CA GLY A 89 -1.30 19.30 -10.09
C GLY A 89 -1.89 18.29 -11.05
N VAL A 90 -3.10 17.83 -10.76
CA VAL A 90 -3.78 16.84 -11.58
C VAL A 90 -4.93 17.50 -12.32
N TYR A 91 -4.91 17.40 -13.65
CA TYR A 91 -5.94 17.95 -14.52
C TYR A 91 -6.91 16.86 -14.91
N TYR A 92 -8.21 17.15 -14.82
CA TYR A 92 -9.25 16.20 -15.18
C TYR A 92 -10.15 16.79 -16.25
N CYS A 93 -10.52 16.01 -17.25
CA CYS A 93 -11.72 16.33 -17.98
C CYS A 93 -12.88 15.66 -17.27
N VAL A 94 -14.06 16.26 -17.43
CA VAL A 94 -15.28 15.77 -16.79
C VAL A 94 -16.44 16.07 -17.73
N GLN A 95 -17.45 15.20 -17.73
CA GLN A 95 -18.60 15.40 -18.61
C GLN A 95 -19.90 15.41 -17.83
N GLY A 96 -20.80 16.29 -18.26
CA GLY A 96 -22.14 16.42 -17.70
C GLY A 96 -23.24 16.27 -18.75
N THR A 97 -22.89 15.76 -19.93
CA THR A 97 -23.92 15.58 -20.95
C THR A 97 -24.82 14.40 -20.65
N HIS A 98 -24.24 13.31 -20.12
CA HIS A 98 -24.97 12.07 -19.86
C HIS A 98 -24.88 11.69 -18.39
N PHE A 99 -26.03 11.29 -17.83
CA PHE A 99 -25.98 10.71 -16.49
C PHE A 99 -25.55 9.25 -16.57
N PRO A 100 -24.71 8.77 -15.63
CA PRO A 100 -24.13 9.56 -14.55
C PRO A 100 -22.95 10.38 -15.03
N PHE A 101 -22.71 11.51 -14.39
CA PHE A 101 -21.55 12.31 -14.73
C PHE A 101 -20.27 11.54 -14.41
N THR A 102 -19.23 11.73 -15.25
CA THR A 102 -18.01 10.96 -15.12
C THR A 102 -16.79 11.85 -15.28
N PHE A 103 -15.67 11.37 -14.75
CA PHE A 103 -14.37 12.04 -14.79
C PHE A 103 -13.39 11.20 -15.59
N GLY A 104 -12.46 11.87 -16.28
CA GLY A 104 -11.25 11.21 -16.74
C GLY A 104 -10.40 10.74 -15.57
N SER A 105 -9.36 9.95 -15.89
CA SER A 105 -8.51 9.40 -14.86
C SER A 105 -7.56 10.43 -14.25
N GLY A 106 -7.40 11.59 -14.89
CA GLY A 106 -6.48 12.58 -14.37
C GLY A 106 -5.13 12.54 -15.06
N THR A 107 -4.55 13.72 -15.30
CA THR A 107 -3.22 13.85 -15.86
C THR A 107 -2.37 14.65 -14.88
N LYS A 108 -1.31 14.05 -14.38
CA LYS A 108 -0.46 14.73 -13.41
C LYS A 108 0.55 15.60 -14.15
N LEU A 109 0.53 16.90 -13.88
CA LEU A 109 1.50 17.84 -14.46
C LEU A 109 2.59 18.09 -13.44
N GLU A 110 3.81 17.66 -13.76
CA GLU A 110 4.98 17.96 -12.97
C GLU A 110 5.83 18.99 -13.71
N ILE A 111 6.50 19.84 -12.94
CA ILE A 111 7.42 20.83 -13.49
C ILE A 111 8.81 20.23 -13.58
N LYS A 112 9.48 20.48 -14.70
CA LYS A 112 10.89 20.10 -14.87
C LYS A 112 11.73 21.37 -14.75
N ARG A 113 12.76 21.31 -13.90
CA ARG A 113 13.57 22.48 -13.61
C ARG A 113 15.04 22.03 -13.47
N ALA A 114 15.91 23.01 -13.25
CA ALA A 114 17.33 22.72 -13.07
C ALA A 114 17.56 21.91 -11.80
N ASP A 115 18.56 21.02 -11.85
CA ASP A 115 18.89 20.22 -10.69
C ASP A 115 19.25 21.12 -9.50
N ALA A 116 18.90 20.66 -8.29
CA ALA A 116 19.17 21.40 -7.07
C ALA A 116 19.56 20.42 -5.98
N ALA A 117 20.64 20.71 -5.26
CA ALA A 117 21.08 19.84 -4.20
C ALA A 117 20.20 20.00 -2.96
N PRO A 118 20.02 18.95 -2.19
CA PRO A 118 19.25 19.08 -0.94
C PRO A 118 19.99 19.91 0.09
N THR A 119 19.25 20.67 0.89
CA THR A 119 19.76 21.28 2.11
C THR A 119 19.40 20.32 3.25
N VAL A 120 20.42 19.78 3.91
CA VAL A 120 20.23 18.72 4.90
C VAL A 120 20.34 19.30 6.31
N SER A 121 19.39 18.93 7.20
CA SER A 121 19.39 19.35 8.59
C SER A 121 19.07 18.16 9.47
N ILE A 122 19.81 18.00 10.57
CA ILE A 122 19.59 16.91 11.51
C ILE A 122 19.25 17.48 12.88
N PHE A 123 18.33 16.82 13.58
CA PHE A 123 17.82 17.31 14.87
C PHE A 123 17.86 16.21 15.91
N PRO A 124 18.45 16.45 17.08
CA PRO A 124 18.41 15.47 18.16
C PRO A 124 17.02 15.39 18.78
N PRO A 125 16.73 14.36 19.57
CA PRO A 125 15.47 14.34 20.32
C PRO A 125 15.36 15.51 21.26
N SER A 126 14.12 15.95 21.47
CA SER A 126 13.85 17.01 22.42
C SER A 126 13.93 16.44 23.84
N SER A 127 14.27 17.33 24.79
CA SER A 127 14.21 16.94 26.19
C SER A 127 12.79 16.55 26.58
N GLU A 128 11.79 17.18 25.98
CA GLU A 128 10.40 16.82 26.26
C GLU A 128 10.14 15.36 25.93
N GLN A 129 10.56 14.92 24.74
CA GLN A 129 10.29 13.54 24.36
C GLN A 129 11.08 12.56 25.21
N LEU A 130 12.33 12.92 25.56
CA LEU A 130 13.14 12.01 26.36
C LEU A 130 12.54 11.79 27.75
N THR A 131 11.90 12.82 28.30
CA THR A 131 11.20 12.65 29.58
C THR A 131 10.13 11.56 29.49
N SER A 132 9.51 11.40 28.32
CA SER A 132 8.50 10.36 28.13
C SER A 132 9.09 9.00 27.78
N GLY A 133 10.42 8.87 27.73
CA GLY A 133 11.04 7.60 27.41
C GLY A 133 11.27 7.31 25.95
N GLY A 134 11.09 8.31 25.07
CA GLY A 134 11.26 8.11 23.64
C GLY A 134 12.36 9.00 23.09
N ALA A 135 12.78 8.68 21.87
CA ALA A 135 13.84 9.46 21.23
C ALA A 135 13.73 9.33 19.72
N SER A 136 13.21 10.38 19.08
CA SER A 136 13.16 10.45 17.63
C SER A 136 14.25 11.39 17.13
N VAL A 137 15.01 10.93 16.15
CA VAL A 137 16.03 11.73 15.48
C VAL A 137 15.51 12.02 14.08
N VAL A 138 15.45 13.30 13.72
CA VAL A 138 14.81 13.73 12.47
C VAL A 138 15.85 14.34 11.55
N CYS A 139 15.78 13.97 10.28
CA CYS A 139 16.61 14.57 9.24
C CYS A 139 15.70 15.11 8.14
N PHE A 140 15.92 16.36 7.74
CA PHE A 140 15.22 16.95 6.60
C PHE A 140 16.19 17.04 5.43
N LEU A 141 15.72 16.65 4.25
CA LEU A 141 16.45 16.80 3.00
C LEU A 141 15.57 17.71 2.15
N ASN A 142 15.87 19.00 2.12
CA ASN A 142 14.90 20.01 1.67
C ASN A 142 15.27 20.63 0.33
N ASN A 143 14.24 20.82 -0.49
CA ASN A 143 14.32 21.69 -1.68
C ASN A 143 15.33 21.19 -2.70
N PHE A 144 15.19 19.94 -3.10
CA PHE A 144 16.06 19.34 -4.11
C PHE A 144 15.28 19.02 -5.38
N TYR A 145 16.02 18.76 -6.46
CA TYR A 145 15.49 18.34 -7.74
C TYR A 145 16.58 17.64 -8.51
N PRO A 146 16.31 16.48 -9.14
CA PRO A 146 15.00 15.80 -9.24
C PRO A 146 14.58 15.06 -7.97
N LYS A 147 13.42 14.41 -8.06
CA LYS A 147 12.77 13.86 -6.87
C LYS A 147 13.51 12.65 -6.32
N ASP A 148 14.25 11.93 -7.17
CA ASP A 148 14.90 10.71 -6.72
C ASP A 148 16.02 11.03 -5.75
N ILE A 149 16.01 10.38 -4.58
CA ILE A 149 17.02 10.62 -3.56
C ILE A 149 17.06 9.41 -2.63
N ASN A 150 18.19 9.23 -1.96
CA ASN A 150 18.35 8.16 -0.98
C ASN A 150 18.96 8.72 0.30
N VAL A 151 18.57 8.12 1.43
CA VAL A 151 19.07 8.52 2.73
C VAL A 151 19.61 7.28 3.42
N LYS A 152 20.74 7.44 4.09
CA LYS A 152 21.37 6.40 4.88
C LYS A 152 21.71 6.98 6.24
N TRP A 153 21.41 6.23 7.30
CA TRP A 153 21.77 6.62 8.65
C TRP A 153 23.01 5.85 9.07
N LYS A 154 23.91 6.54 9.76
CA LYS A 154 25.05 5.92 10.41
C LYS A 154 25.04 6.31 11.86
N ILE A 155 25.11 5.31 12.74
CA ILE A 155 25.12 5.49 14.18
C ILE A 155 26.44 4.95 14.68
N ASP A 156 27.23 5.82 15.33
CA ASP A 156 28.61 5.49 15.70
C ASP A 156 29.37 4.89 14.51
N GLY A 157 29.14 5.46 13.33
CA GLY A 157 29.84 5.10 12.12
C GLY A 157 29.30 3.89 11.37
N SER A 158 28.28 3.21 11.89
CA SER A 158 27.77 1.99 11.28
C SER A 158 26.35 2.20 10.77
N GLU A 159 26.10 1.68 9.55
CA GLU A 159 24.83 1.86 8.89
C GLU A 159 23.68 1.29 9.73
N ARG A 160 22.55 2.01 9.75
CA ARG A 160 21.39 1.56 10.50
C ARG A 160 20.13 1.76 9.67
N GLN A 161 19.32 0.71 9.57
CA GLN A 161 18.00 0.78 8.95
C GLN A 161 16.86 0.58 9.93
N ASN A 162 17.10 -0.13 11.03
CA ASN A 162 16.06 -0.41 12.00
C ASN A 162 15.49 0.88 12.57
N GLY A 163 14.18 1.08 12.41
CA GLY A 163 13.50 2.21 13.01
C GLY A 163 13.41 3.46 12.15
N VAL A 164 13.80 3.39 10.88
CA VAL A 164 13.83 4.54 9.98
C VAL A 164 12.57 4.53 9.13
N LEU A 165 11.87 5.68 9.09
CA LEU A 165 10.75 5.86 8.17
C LEU A 165 10.91 7.19 7.43
N ASN A 166 10.59 7.15 6.13
CA ASN A 166 10.80 8.27 5.22
C ASN A 166 9.47 8.80 4.68
N SER A 167 9.44 10.09 4.37
CA SER A 167 8.27 10.68 3.76
C SER A 167 8.68 11.77 2.78
N TRP A 168 8.00 11.82 1.63
CA TRP A 168 8.33 12.75 0.56
C TRP A 168 7.18 13.72 0.36
N THR A 169 7.49 15.02 0.23
CA THR A 169 6.45 15.98 -0.12
C THR A 169 6.08 15.89 -1.60
N ASP A 170 4.89 16.40 -1.91
CA ASP A 170 4.55 16.72 -3.28
C ASP A 170 5.42 17.87 -3.76
N GLN A 171 5.50 18.04 -5.07
CA GLN A 171 6.31 19.10 -5.65
C GLN A 171 5.85 20.46 -5.16
N ASP A 172 6.82 21.35 -4.92
CA ASP A 172 6.54 22.67 -4.37
C ASP A 172 5.96 23.58 -5.45
N SER A 173 4.87 24.27 -5.11
CA SER A 173 4.15 25.10 -6.08
C SER A 173 4.90 26.36 -6.47
N LYS A 174 5.94 26.75 -5.74
CA LYS A 174 6.70 27.97 -6.01
C LYS A 174 8.06 27.70 -6.66
N ASP A 175 8.88 26.83 -6.07
CA ASP A 175 10.21 26.58 -6.59
C ASP A 175 10.35 25.26 -7.33
N SER A 176 9.27 24.47 -7.43
CA SER A 176 9.24 23.24 -8.20
C SER A 176 10.19 22.16 -7.67
N THR A 177 10.61 22.26 -6.40
CA THR A 177 11.49 21.27 -5.80
C THR A 177 10.70 20.22 -5.02
N TYR A 178 11.43 19.24 -4.50
CA TYR A 178 10.90 18.20 -3.63
C TYR A 178 11.65 18.24 -2.32
N SER A 179 11.02 17.72 -1.26
CA SER A 179 11.67 17.57 0.03
C SER A 179 11.33 16.20 0.59
N MET A 180 12.14 15.77 1.56
CA MET A 180 11.98 14.46 2.17
C MET A 180 12.39 14.55 3.62
N SER A 181 11.67 13.83 4.48
CA SER A 181 12.06 13.68 5.87
C SER A 181 12.43 12.23 6.13
N SER A 182 13.41 12.04 7.00
CA SER A 182 13.77 10.70 7.43
C SER A 182 13.84 10.73 8.95
N THR A 183 13.10 9.82 9.59
CA THR A 183 12.95 9.82 11.04
C THR A 183 13.38 8.47 11.60
N LEU A 184 14.33 8.50 12.54
CA LEU A 184 14.82 7.31 13.23
C LEU A 184 14.22 7.32 14.63
N THR A 185 13.37 6.35 14.92
CA THR A 185 12.64 6.32 16.19
C THR A 185 13.21 5.23 17.08
N LEU A 186 13.66 5.64 18.28
CA LEU A 186 14.32 4.77 19.25
C LEU A 186 13.63 4.94 20.59
N THR A 187 13.91 4.02 21.52
CA THR A 187 13.61 4.34 22.90
C THR A 187 14.71 5.23 23.45
N LYS A 188 14.42 5.90 24.58
CA LYS A 188 15.47 6.65 25.27
C LYS A 188 16.65 5.75 25.61
N ASP A 189 16.39 4.55 26.14
CA ASP A 189 17.47 3.64 26.50
C ASP A 189 18.36 3.31 25.30
N GLU A 190 17.75 3.08 24.13
CA GLU A 190 18.53 2.75 22.94
C GLU A 190 19.31 3.96 22.46
N TYR A 191 18.67 5.13 22.46
CA TYR A 191 19.35 6.36 22.04
C TYR A 191 20.58 6.62 22.89
N GLU A 192 20.52 6.30 24.17
CA GLU A 192 21.61 6.58 25.09
C GLU A 192 22.73 5.56 25.00
N ARG A 193 22.67 4.62 24.07
CA ARG A 193 23.75 3.66 23.88
C ARG A 193 24.71 4.05 22.77
N HIS A 194 24.50 5.22 22.15
CA HIS A 194 25.32 5.64 21.02
C HIS A 194 25.58 7.13 21.13
N ASN A 195 26.67 7.57 20.49
CA ASN A 195 27.08 8.97 20.56
C ASN A 195 26.86 9.74 19.27
N SER A 196 27.30 9.22 18.14
CA SER A 196 27.26 9.98 16.89
C SER A 196 26.08 9.51 16.04
N TYR A 197 25.25 10.46 15.63
CA TYR A 197 24.09 10.21 14.79
C TYR A 197 24.26 10.99 13.49
N THR A 198 24.24 10.28 12.37
CA THR A 198 24.56 10.88 11.08
C THR A 198 23.52 10.51 10.05
N CYS A 199 23.07 11.51 9.29
CA CYS A 199 22.16 11.37 8.16
C CYS A 199 22.93 11.69 6.88
N GLU A 200 22.86 10.80 5.89
CA GLU A 200 23.63 10.94 4.65
C GLU A 200 22.68 10.92 3.45
N ALA A 201 22.70 11.99 2.65
CA ALA A 201 21.86 12.10 1.47
C ALA A 201 22.66 11.80 0.21
N THR A 202 22.15 10.87 -0.61
CA THR A 202 22.72 10.58 -1.93
C THR A 202 21.78 11.10 -3.01
N HIS A 203 22.30 11.96 -3.89
CA HIS A 203 21.51 12.66 -4.88
C HIS A 203 22.39 12.87 -6.11
N LYS A 204 21.77 13.02 -7.27
CA LYS A 204 22.56 13.12 -8.50
C LYS A 204 23.42 14.39 -8.54
N THR A 205 23.11 15.38 -7.70
CA THR A 205 23.88 16.62 -7.67
C THR A 205 25.26 16.47 -7.04
N SER A 206 25.61 15.30 -6.48
CA SER A 206 26.95 15.11 -5.91
C SER A 206 27.37 13.66 -6.07
N THR A 207 28.66 13.43 -6.35
CA THR A 207 29.17 12.07 -6.43
C THR A 207 29.42 11.44 -5.06
N SER A 208 29.23 12.19 -3.97
CA SER A 208 29.44 11.68 -2.64
C SER A 208 28.32 12.22 -1.74
N PRO A 209 28.08 11.57 -0.61
CA PRO A 209 26.91 11.98 0.21
C PRO A 209 27.05 13.37 0.80
N ILE A 210 25.92 14.06 0.97
CA ILE A 210 25.84 15.24 1.82
C ILE A 210 25.48 14.75 3.22
N VAL A 211 26.31 15.10 4.20
CA VAL A 211 26.33 14.47 5.51
C VAL A 211 26.08 15.52 6.58
N LYS A 212 25.12 15.28 7.46
CA LYS A 212 24.97 16.07 8.67
C LYS A 212 24.95 15.15 9.87
N SER A 213 25.53 15.61 10.99
N SER A 213 25.55 15.60 10.98
CA SER A 213 25.72 14.76 12.14
CA SER A 213 25.69 14.76 12.15
C SER A 213 25.59 15.59 13.42
C SER A 213 25.54 15.60 13.41
N PHE A 214 25.29 14.90 14.52
CA PHE A 214 25.42 15.50 15.84
C PHE A 214 25.95 14.44 16.81
N ASN A 215 26.54 14.91 17.90
CA ASN A 215 27.03 14.05 18.96
C ASN A 215 26.13 14.22 20.17
N ARG A 216 25.78 13.10 20.81
N ARG A 216 25.81 13.09 20.83
CA ARG A 216 24.89 13.15 21.97
CA ARG A 216 24.92 13.11 21.97
C ARG A 216 25.47 13.99 23.09
C ARG A 216 25.48 13.95 23.12
N ASN A 217 26.80 14.07 23.21
CA ASN A 217 27.43 14.81 24.30
C ASN A 217 27.49 16.31 24.09
N GLU A 218 27.01 16.82 22.95
CA GLU A 218 27.11 18.25 22.65
C GLU A 218 25.77 18.96 22.70
N CYS A 219 24.87 18.48 23.56
CA CYS A 219 23.57 19.11 23.82
C CYS A 219 22.73 19.24 22.56
N VAL B 2 -19.47 33.59 -1.74
CA VAL B 2 -20.03 32.25 -1.65
C VAL B 2 -19.06 31.37 -0.87
N GLN B 3 -19.61 30.63 0.09
CA GLN B 3 -18.82 29.71 0.89
C GLN B 3 -19.62 28.44 1.08
N LEU B 4 -18.94 27.30 1.02
CA LEU B 4 -19.48 26.00 1.35
C LEU B 4 -18.61 25.45 2.47
N GLN B 5 -19.15 25.40 3.67
N GLN B 5 -19.14 25.42 3.68
CA GLN B 5 -18.39 24.99 4.85
CA GLN B 5 -18.38 25.00 4.84
C GLN B 5 -18.79 23.57 5.19
C GLN B 5 -18.79 23.55 5.16
N GLN B 6 -17.86 22.63 5.00
CA GLN B 6 -18.13 21.23 5.28
C GLN B 6 -17.80 20.90 6.73
N SER B 7 -18.43 19.84 7.21
CA SER B 7 -18.18 19.42 8.58
C SER B 7 -16.78 18.80 8.71
N GLY B 8 -16.35 18.67 9.96
CA GLY B 8 -14.98 18.29 10.23
C GLY B 8 -14.72 16.80 10.06
N ALA B 9 -13.43 16.45 10.20
CA ALA B 9 -12.98 15.07 9.98
C ALA B 9 -13.78 14.09 10.83
N GLU B 10 -14.06 12.91 10.25
CA GLU B 10 -14.88 11.89 10.88
C GLU B 10 -14.07 10.62 11.11
N LEU B 11 -14.39 9.93 12.21
CA LEU B 11 -13.92 8.59 12.48
C LEU B 11 -15.16 7.72 12.66
N VAL B 12 -15.28 6.67 11.86
CA VAL B 12 -16.49 5.84 11.83
C VAL B 12 -16.07 4.38 11.99
N ARG B 13 -16.70 3.69 12.94
CA ARG B 13 -16.40 2.27 13.12
C ARG B 13 -16.95 1.48 11.93
N PRO B 14 -16.27 0.41 11.54
CA PRO B 14 -16.77 -0.42 10.43
C PRO B 14 -18.21 -0.87 10.68
N GLY B 15 -19.05 -0.72 9.66
CA GLY B 15 -20.44 -1.11 9.75
C GLY B 15 -21.37 -0.02 10.22
N SER B 16 -20.82 1.08 10.75
CA SER B 16 -21.62 2.20 11.21
C SER B 16 -21.86 3.18 10.07
N SER B 17 -22.63 4.22 10.36
CA SER B 17 -23.01 5.23 9.37
C SER B 17 -22.52 6.59 9.83
N VAL B 18 -22.51 7.53 8.89
CA VAL B 18 -22.11 8.91 9.16
C VAL B 18 -22.93 9.84 8.27
N LYS B 19 -23.18 11.05 8.76
CA LYS B 19 -23.90 12.06 8.00
C LYS B 19 -23.05 13.33 8.01
N ILE B 20 -22.60 13.75 6.84
CA ILE B 20 -21.71 14.91 6.75
C ILE B 20 -22.48 16.07 6.12
N SER B 21 -22.06 17.28 6.45
CA SER B 21 -22.84 18.46 6.07
C SER B 21 -22.02 19.43 5.24
N CYS B 22 -22.76 20.28 4.52
CA CYS B 22 -22.19 21.29 3.61
C CYS B 22 -23.05 22.51 3.78
N LYS B 23 -22.57 23.49 4.56
N LYS B 23 -22.53 23.50 4.52
CA LYS B 23 -23.36 24.67 4.89
CA LYS B 23 -23.28 24.70 4.88
C LYS B 23 -23.05 25.77 3.88
C LYS B 23 -23.02 25.77 3.85
N ALA B 24 -24.06 26.19 3.13
CA ALA B 24 -23.89 27.14 2.04
C ALA B 24 -24.22 28.55 2.51
N SER B 25 -23.51 29.52 1.95
CA SER B 25 -23.84 30.91 2.18
C SER B 25 -23.40 31.75 0.99
N GLY B 26 -23.98 32.94 0.88
CA GLY B 26 -23.58 33.89 -0.15
C GLY B 26 -24.33 33.81 -1.46
N TYR B 27 -25.36 32.99 -1.55
CA TYR B 27 -26.15 32.84 -2.77
C TYR B 27 -27.51 32.27 -2.38
N ILE B 28 -28.42 32.23 -3.36
CA ILE B 28 -29.76 31.71 -3.14
C ILE B 28 -29.69 30.18 -3.16
N PHE B 29 -29.73 29.57 -1.97
CA PHE B 29 -29.54 28.12 -1.81
C PHE B 29 -30.49 27.31 -2.67
N ASN B 30 -31.73 27.75 -2.83
CA ASN B 30 -32.69 26.91 -3.53
C ASN B 30 -32.42 26.82 -5.04
N ASN B 31 -31.53 27.65 -5.58
CA ASN B 31 -31.47 27.87 -7.03
C ASN B 31 -30.31 27.15 -7.73
N TYR B 32 -29.50 26.37 -7.02
CA TYR B 32 -28.33 25.77 -7.62
C TYR B 32 -28.18 24.33 -7.16
N TRP B 33 -27.74 23.46 -8.07
CA TRP B 33 -27.43 22.08 -7.70
C TRP B 33 -26.20 22.02 -6.81
N ILE B 34 -26.23 21.11 -5.84
CA ILE B 34 -25.06 20.74 -5.04
C ILE B 34 -24.64 19.33 -5.47
N ASN B 35 -23.40 19.19 -5.89
CA ASN B 35 -22.82 17.90 -6.24
C ASN B 35 -21.93 17.39 -5.12
N TRP B 36 -21.81 16.07 -5.01
CA TRP B 36 -20.91 15.45 -4.06
C TRP B 36 -19.94 14.55 -4.80
N VAL B 37 -18.68 14.65 -4.41
CA VAL B 37 -17.55 14.02 -5.12
C VAL B 37 -16.67 13.31 -4.11
N LYS B 38 -16.23 12.10 -4.46
CA LYS B 38 -15.39 11.26 -3.61
C LYS B 38 -13.96 11.19 -4.13
N GLN B 39 -13.01 11.28 -3.22
CA GLN B 39 -11.60 11.12 -3.55
C GLN B 39 -10.99 10.15 -2.54
N ARG B 40 -10.90 8.88 -2.91
CA ARG B 40 -10.20 7.91 -2.07
C ARG B 40 -8.71 8.26 -2.03
N PRO B 41 -8.01 7.87 -0.95
CA PRO B 41 -6.59 8.22 -0.83
C PRO B 41 -5.78 7.79 -2.05
N GLY B 42 -5.21 8.77 -2.76
CA GLY B 42 -4.36 8.50 -3.88
C GLY B 42 -5.05 8.23 -5.20
N GLN B 43 -6.37 8.21 -5.24
CA GLN B 43 -7.10 7.90 -6.46
C GLN B 43 -7.69 9.17 -7.07
N GLY B 44 -8.35 9.01 -8.21
CA GLY B 44 -8.95 10.11 -8.93
C GLY B 44 -10.17 10.65 -8.23
N LEU B 45 -11.08 11.23 -8.99
CA LEU B 45 -12.33 11.75 -8.47
C LEU B 45 -13.50 10.94 -8.99
N GLU B 46 -14.54 10.81 -8.17
CA GLU B 46 -15.74 10.08 -8.52
C GLU B 46 -16.96 10.93 -8.18
N TRP B 47 -17.96 10.89 -9.04
CA TRP B 47 -19.22 11.58 -8.76
C TRP B 47 -20.16 10.66 -7.99
N ILE B 48 -20.68 11.15 -6.86
CA ILE B 48 -21.65 10.41 -6.05
C ILE B 48 -23.08 10.70 -6.47
N GLY B 49 -23.42 11.97 -6.60
CA GLY B 49 -24.79 12.37 -6.87
C GLY B 49 -24.95 13.85 -6.59
N GLN B 50 -26.19 14.31 -6.75
CA GLN B 50 -26.49 15.73 -6.61
C GLN B 50 -27.90 15.91 -6.06
N ILE B 51 -28.13 17.08 -5.47
CA ILE B 51 -29.45 17.49 -5.02
C ILE B 51 -29.71 18.93 -5.45
N TYR B 52 -30.97 19.22 -5.81
CA TYR B 52 -31.39 20.58 -6.10
C TYR B 52 -32.24 21.04 -4.92
N PRO B 53 -31.71 21.89 -4.03
CA PRO B 53 -32.46 22.17 -2.79
C PRO B 53 -33.84 22.75 -3.00
N GLY B 54 -34.05 23.53 -4.07
CA GLY B 54 -35.35 24.15 -4.30
C GLY B 54 -36.50 23.17 -4.26
N ASP B 55 -36.33 22.00 -4.87
CA ASP B 55 -37.41 21.01 -4.90
C ASP B 55 -36.99 19.63 -4.40
N GLY B 56 -35.79 19.48 -3.88
CA GLY B 56 -35.39 18.18 -3.37
C GLY B 56 -35.07 17.13 -4.42
N ASP B 57 -35.07 17.49 -5.69
CA ASP B 57 -34.75 16.55 -6.77
C ASP B 57 -33.32 16.03 -6.57
N THR B 58 -33.11 14.74 -6.80
CA THR B 58 -31.79 14.14 -6.72
C THR B 58 -31.51 13.30 -7.95
N ASN B 59 -30.23 13.21 -8.30
CA ASN B 59 -29.72 12.24 -9.26
C ASN B 59 -28.49 11.59 -8.66
N TYR B 60 -28.37 10.27 -8.80
CA TYR B 60 -27.29 9.52 -8.19
C TYR B 60 -26.48 8.74 -9.21
N ASN B 61 -25.20 8.57 -8.93
CA ASN B 61 -24.43 7.51 -9.58
C ASN B 61 -24.92 6.19 -9.04
N GLY B 62 -25.36 5.28 -9.93
CA GLY B 62 -25.85 3.99 -9.49
C GLY B 62 -24.88 3.25 -8.57
N LYS B 63 -23.58 3.52 -8.73
CA LYS B 63 -22.56 2.90 -7.89
C LYS B 63 -22.79 3.20 -6.41
N PHE B 64 -23.36 4.36 -6.11
CA PHE B 64 -23.56 4.79 -4.73
C PHE B 64 -25.01 4.67 -4.27
N LYS B 65 -25.91 4.13 -5.09
CA LYS B 65 -27.27 3.89 -4.63
C LYS B 65 -27.24 2.90 -3.48
N GLY B 66 -27.94 3.23 -2.39
CA GLY B 66 -27.91 2.41 -1.21
C GLY B 66 -26.69 2.61 -0.32
N LYS B 67 -25.69 3.36 -0.76
CA LYS B 67 -24.59 3.80 0.10
C LYS B 67 -24.75 5.26 0.52
N ALA B 68 -25.14 6.14 -0.40
CA ALA B 68 -25.25 7.56 -0.12
C ALA B 68 -26.71 8.02 -0.23
N THR B 69 -27.13 8.88 0.69
CA THR B 69 -28.46 9.50 0.66
C THR B 69 -28.29 10.99 0.84
N LEU B 70 -28.82 11.77 -0.11
CA LEU B 70 -28.62 13.21 -0.13
C LEU B 70 -29.90 13.92 0.31
N THR B 71 -29.76 14.87 1.22
CA THR B 71 -30.87 15.71 1.65
C THR B 71 -30.43 17.17 1.72
N ALA B 72 -31.40 18.06 1.93
CA ALA B 72 -31.10 19.48 2.07
C ALA B 72 -32.12 20.13 2.99
N ASP B 73 -31.61 20.89 3.96
CA ASP B 73 -32.43 21.69 4.88
C ASP B 73 -32.48 23.10 4.29
N LYS B 74 -33.62 23.45 3.69
CA LYS B 74 -33.74 24.76 3.06
C LYS B 74 -33.60 25.88 4.07
N SER B 75 -34.16 25.70 5.27
CA SER B 75 -34.18 26.79 6.23
C SER B 75 -32.77 27.17 6.68
N SER B 76 -31.89 26.19 6.86
CA SER B 76 -30.53 26.45 7.30
C SER B 76 -29.53 26.44 6.14
N SER B 77 -30.00 26.35 4.90
CA SER B 77 -29.13 26.32 3.71
C SER B 77 -28.01 25.32 3.86
N THR B 78 -28.34 24.11 4.30
CA THR B 78 -27.34 23.07 4.54
C THR B 78 -27.71 21.82 3.77
N ALA B 79 -26.76 21.31 2.99
CA ALA B 79 -26.90 20.02 2.33
C ALA B 79 -26.20 18.94 3.15
N TYR B 80 -26.77 17.73 3.14
CA TYR B 80 -26.24 16.61 3.90
C TYR B 80 -26.07 15.40 3.01
N MET B 81 -25.04 14.60 3.32
CA MET B 81 -24.88 13.30 2.70
C MET B 81 -24.71 12.27 3.80
N GLN B 82 -25.60 11.29 3.82
CA GLN B 82 -25.50 10.18 4.76
C GLN B 82 -24.88 8.99 4.04
N LEU B 83 -23.85 8.40 4.64
CA LEU B 83 -23.18 7.21 4.11
C LEU B 83 -23.46 6.06 5.06
N SER B 84 -23.99 4.96 4.52
N SER B 84 -23.97 4.95 4.52
CA SER B 84 -24.46 3.85 5.35
CA SER B 84 -24.45 3.84 5.33
C SER B 84 -23.49 2.66 5.31
C SER B 84 -23.48 2.66 5.30
N SER B 85 -23.42 1.94 6.42
CA SER B 85 -22.74 0.64 6.53
C SER B 85 -21.31 0.68 6.00
N LEU B 86 -20.46 1.47 6.66
CA LEU B 86 -19.19 1.82 6.07
C LEU B 86 -18.17 0.68 6.13
N THR B 87 -17.36 0.60 5.09
CA THR B 87 -16.19 -0.27 5.03
C THR B 87 -14.98 0.57 4.67
N SER B 88 -13.80 -0.09 4.61
N SER B 88 -13.80 -0.09 4.61
CA SER B 88 -12.58 0.65 4.31
CA SER B 88 -12.57 0.63 4.30
C SER B 88 -12.64 1.34 2.96
C SER B 88 -12.64 1.33 2.96
N GLU B 89 -13.44 0.81 2.02
CA GLU B 89 -13.58 1.44 0.71
C GLU B 89 -14.22 2.81 0.81
N ASP B 90 -14.87 3.11 1.94
CA ASP B 90 -15.51 4.40 2.13
C ASP B 90 -14.60 5.44 2.77
N SER B 91 -13.40 5.05 3.19
CA SER B 91 -12.44 6.02 3.68
C SER B 91 -11.99 6.88 2.52
N ALA B 92 -12.22 8.18 2.62
CA ALA B 92 -11.99 9.07 1.50
C ALA B 92 -12.21 10.50 1.97
N VAL B 93 -11.82 11.45 1.12
CA VAL B 93 -12.26 12.82 1.26
C VAL B 93 -13.50 13.01 0.39
N TYR B 94 -14.53 13.63 0.96
CA TYR B 94 -15.76 13.93 0.25
C TYR B 94 -15.88 15.44 0.11
N PHE B 95 -16.09 15.90 -1.12
CA PHE B 95 -16.30 17.32 -1.39
C PHE B 95 -17.75 17.57 -1.77
N CYS B 96 -18.30 18.70 -1.34
CA CYS B 96 -19.48 19.24 -1.98
C CYS B 96 -19.09 20.38 -2.91
N ALA B 97 -19.92 20.61 -3.92
CA ALA B 97 -19.65 21.67 -4.89
C ALA B 97 -20.97 22.28 -5.33
N ARG B 98 -21.00 23.60 -5.48
CA ARG B 98 -22.17 24.27 -6.02
C ARG B 98 -21.97 24.49 -7.52
N GLU B 99 -22.80 23.82 -8.31
CA GLU B 99 -22.80 23.97 -9.77
C GLU B 99 -23.19 25.39 -10.15
N GLY B 100 -22.68 25.85 -11.29
CA GLY B 100 -23.12 27.14 -11.80
C GLY B 100 -22.18 27.69 -12.84
N TYR B 101 -22.53 28.90 -13.30
CA TYR B 101 -21.63 29.62 -14.20
C TYR B 101 -20.31 29.96 -13.52
N ILE B 102 -20.30 30.04 -12.20
CA ILE B 102 -19.10 29.91 -11.37
C ILE B 102 -19.37 28.71 -10.46
N VAL B 103 -18.38 27.84 -10.30
CA VAL B 103 -18.50 26.69 -9.40
C VAL B 103 -17.78 27.02 -8.11
N TYR B 104 -18.37 26.67 -6.97
CA TYR B 104 -17.71 26.85 -5.69
C TYR B 104 -17.60 25.50 -5.00
N TRP B 105 -16.56 25.35 -4.18
CA TRP B 105 -16.25 24.04 -3.61
C TRP B 105 -16.09 24.14 -2.11
N GLY B 106 -16.61 23.14 -1.41
CA GLY B 106 -16.27 22.93 -0.01
C GLY B 106 -14.82 22.54 0.14
N GLN B 107 -14.34 22.60 1.39
CA GLN B 107 -12.94 22.27 1.67
C GLN B 107 -12.69 20.77 1.79
N GLY B 108 -13.73 19.97 1.74
CA GLY B 108 -13.60 18.52 1.87
C GLY B 108 -13.73 18.07 3.31
N THR B 109 -14.29 16.87 3.49
CA THR B 109 -14.40 16.20 4.78
C THR B 109 -13.70 14.85 4.65
N LEU B 110 -12.68 14.62 5.48
CA LEU B 110 -12.04 13.30 5.50
C LEU B 110 -12.83 12.36 6.38
N VAL B 111 -13.15 11.18 5.87
CA VAL B 111 -13.80 10.13 6.65
C VAL B 111 -12.82 8.97 6.76
N THR B 112 -12.50 8.57 7.99
CA THR B 112 -11.69 7.37 8.24
C THR B 112 -12.59 6.29 8.83
N VAL B 113 -12.62 5.12 8.18
CA VAL B 113 -13.37 3.96 8.68
C VAL B 113 -12.38 3.05 9.39
N SER B 114 -12.53 2.93 10.71
CA SER B 114 -11.57 2.18 11.51
C SER B 114 -12.15 1.90 12.88
N ALA B 115 -11.71 0.79 13.46
CA ALA B 115 -12.01 0.43 14.84
C ALA B 115 -10.98 0.95 15.83
N ALA B 116 -9.91 1.56 15.34
CA ALA B 116 -8.85 2.07 16.21
C ALA B 116 -9.29 3.32 16.97
N LYS B 117 -8.62 3.57 18.09
CA LYS B 117 -9.00 4.62 19.03
C LYS B 117 -8.42 5.97 18.61
N THR B 118 -9.22 7.02 18.72
CA THR B 118 -8.66 8.37 18.59
C THR B 118 -7.53 8.59 19.60
N THR B 119 -6.43 9.17 19.12
CA THR B 119 -5.26 9.41 19.96
C THR B 119 -4.72 10.79 19.60
N PRO B 120 -4.55 11.69 20.57
CA PRO B 120 -3.99 13.00 20.26
C PRO B 120 -2.49 12.91 20.02
N PRO B 121 -1.94 13.84 19.25
CA PRO B 121 -0.48 13.85 19.04
C PRO B 121 0.28 14.33 20.26
N SER B 122 1.54 13.91 20.30
CA SER B 122 2.54 14.59 21.11
C SER B 122 3.33 15.46 20.16
N VAL B 123 3.53 16.74 20.53
CA VAL B 123 4.20 17.71 19.67
C VAL B 123 5.54 18.07 20.29
N TYR B 124 6.63 17.86 19.54
CA TYR B 124 7.97 18.10 20.05
C TYR B 124 8.71 19.09 19.17
N PRO B 125 9.55 19.94 19.76
CA PRO B 125 10.32 20.89 18.95
C PRO B 125 11.49 20.20 18.25
N LEU B 126 11.84 20.74 17.09
CA LEU B 126 13.05 20.34 16.37
C LEU B 126 13.95 21.57 16.31
N ALA B 127 15.02 21.56 17.09
CA ALA B 127 15.98 22.66 17.14
C ALA B 127 17.38 22.08 16.98
N PRO B 128 18.27 22.81 16.32
CA PRO B 128 19.60 22.26 16.03
C PRO B 128 20.39 21.99 17.30
N GLY B 129 21.28 20.99 17.23
CA GLY B 129 22.20 20.73 18.31
C GLY B 129 22.99 21.98 18.66
N SER B 130 23.30 22.17 19.94
CA SER B 130 23.87 23.44 20.37
C SER B 130 25.24 23.71 19.76
N ALA B 131 25.93 22.68 19.29
CA ALA B 131 27.24 22.82 18.66
C ALA B 131 27.17 22.85 17.15
N ALA B 132 25.97 22.95 16.57
CA ALA B 132 25.82 22.98 15.13
C ALA B 132 26.36 24.29 14.56
N GLN B 133 26.95 24.22 13.38
CA GLN B 133 27.51 25.41 12.75
C GLN B 133 26.39 26.35 12.31
N THR B 134 26.63 27.65 12.49
CA THR B 134 25.64 28.66 12.15
C THR B 134 25.82 29.09 10.69
N ASN B 135 24.69 29.25 10.00
CA ASN B 135 24.60 29.70 8.62
C ASN B 135 23.78 31.00 8.60
N SER B 136 23.67 31.59 7.41
CA SER B 136 22.79 32.74 7.21
C SER B 136 21.34 32.40 7.51
N MET B 137 20.94 31.15 7.30
CA MET B 137 19.58 30.69 7.54
C MET B 137 19.62 29.57 8.56
N VAL B 138 18.52 29.40 9.29
CA VAL B 138 18.37 28.31 10.23
C VAL B 138 17.07 27.57 9.93
N THR B 139 17.13 26.24 9.91
CA THR B 139 15.94 25.42 9.72
C THR B 139 15.52 24.84 11.07
N LEU B 140 14.24 24.99 11.39
CA LEU B 140 13.62 24.50 12.61
C LEU B 140 12.45 23.60 12.23
N GLY B 141 11.83 22.98 13.22
CA GLY B 141 10.67 22.19 12.87
C GLY B 141 9.88 21.76 14.08
N CYS B 142 8.82 20.99 13.80
CA CYS B 142 8.01 20.37 14.84
C CYS B 142 7.74 18.94 14.42
N LEU B 143 7.80 18.05 15.40
CA LEU B 143 7.51 16.63 15.22
C LEU B 143 6.16 16.37 15.85
N VAL B 144 5.23 15.83 15.07
CA VAL B 144 3.85 15.62 15.47
C VAL B 144 3.63 14.11 15.50
N LYS B 145 3.77 13.51 16.69
CA LYS B 145 3.98 12.08 16.81
C LYS B 145 2.80 11.35 17.43
N GLY B 146 2.42 10.24 16.79
CA GLY B 146 1.53 9.27 17.42
C GLY B 146 0.06 9.62 17.54
N TYR B 147 -0.54 10.11 16.47
CA TYR B 147 -1.94 10.50 16.50
C TYR B 147 -2.80 9.60 15.62
N PHE B 148 -4.11 9.65 15.86
CA PHE B 148 -5.05 8.93 15.02
C PHE B 148 -6.42 9.53 15.24
N PRO B 149 -7.25 9.68 14.20
CA PRO B 149 -7.00 9.46 12.77
C PRO B 149 -6.41 10.71 12.14
N GLU B 150 -6.17 10.67 10.83
CA GLU B 150 -5.90 11.90 10.08
C GLU B 150 -7.13 12.82 10.13
N PRO B 151 -6.96 14.12 9.85
CA PRO B 151 -5.73 14.82 9.51
C PRO B 151 -5.16 15.62 10.66
N VAL B 152 -3.96 16.17 10.42
CA VAL B 152 -3.37 17.21 11.24
C VAL B 152 -3.05 18.37 10.31
N THR B 153 -3.19 19.58 10.82
CA THR B 153 -2.69 20.76 10.12
C THR B 153 -1.58 21.41 10.95
N VAL B 154 -0.60 21.99 10.26
CA VAL B 154 0.50 22.69 10.91
C VAL B 154 0.64 24.04 10.22
N THR B 155 0.70 25.10 10.99
CA THR B 155 1.14 26.40 10.49
C THR B 155 2.30 26.89 11.36
N TRP B 156 2.94 27.95 10.89
CA TRP B 156 4.04 28.56 11.62
C TRP B 156 3.72 30.04 11.82
N ASN B 157 3.86 30.50 13.06
CA ASN B 157 3.52 31.88 13.42
C ASN B 157 2.15 32.27 12.89
N SER B 158 1.18 31.39 13.14
CA SER B 158 -0.21 31.62 12.76
C SER B 158 -0.40 31.83 11.26
N GLY B 159 0.48 31.25 10.43
CA GLY B 159 0.39 31.41 9.00
C GLY B 159 1.23 32.52 8.42
N SER B 160 1.81 33.38 9.27
N SER B 160 1.81 33.38 9.26
CA SER B 160 2.63 34.49 8.78
CA SER B 160 2.61 34.49 8.73
C SER B 160 3.94 34.00 8.17
C SER B 160 3.96 34.02 8.19
N LEU B 161 4.46 32.87 8.65
CA LEU B 161 5.62 32.23 8.02
C LEU B 161 5.04 31.23 7.03
N SER B 162 4.99 31.63 5.76
CA SER B 162 4.38 30.83 4.71
C SER B 162 5.44 30.20 3.80
N SER B 163 6.26 31.03 3.15
CA SER B 163 7.32 30.49 2.30
C SER B 163 8.40 29.85 3.17
N GLY B 164 9.07 28.85 2.60
CA GLY B 164 10.08 28.13 3.36
C GLY B 164 9.54 27.13 4.36
N VAL B 165 8.29 26.70 4.20
CA VAL B 165 7.65 25.71 5.06
C VAL B 165 7.41 24.44 4.27
N HIS B 166 7.75 23.29 4.86
CA HIS B 166 7.46 21.98 4.30
C HIS B 166 6.80 21.15 5.38
N THR B 167 5.55 20.76 5.18
CA THR B 167 4.87 19.82 6.07
C THR B 167 4.78 18.47 5.36
N PHE B 168 5.39 17.45 5.94
CA PHE B 168 5.55 16.16 5.28
C PHE B 168 4.33 15.28 5.49
N PRO B 169 3.96 14.47 4.49
CA PRO B 169 2.85 13.53 4.68
C PRO B 169 3.13 12.58 5.84
N ALA B 170 2.08 12.25 6.60
CA ALA B 170 2.29 11.38 7.74
C ALA B 170 2.59 9.95 7.30
N VAL B 171 3.30 9.24 8.18
CA VAL B 171 3.54 7.80 8.04
C VAL B 171 2.70 7.07 9.09
N LEU B 172 2.18 5.91 8.71
CA LEU B 172 1.26 5.12 9.54
C LEU B 172 1.97 3.88 10.06
N GLN B 173 1.89 3.66 11.36
CA GLN B 173 2.42 2.43 11.96
C GLN B 173 1.65 2.16 13.25
N SER B 174 1.18 0.93 13.43
CA SER B 174 0.46 0.54 14.64
C SER B 174 -0.75 1.44 14.90
N ASP B 175 -1.48 1.77 13.83
CA ASP B 175 -2.68 2.59 13.94
C ASP B 175 -2.38 3.96 14.52
N LEU B 176 -1.12 4.42 14.38
CA LEU B 176 -0.74 5.79 14.73
C LEU B 176 0.06 6.46 13.61
N TYR B 177 -0.24 7.74 13.39
CA TYR B 177 0.43 8.55 12.39
C TYR B 177 1.47 9.45 13.03
N THR B 178 2.54 9.74 12.26
CA THR B 178 3.56 10.69 12.64
C THR B 178 3.93 11.52 11.44
N LEU B 179 4.09 12.82 11.66
CA LEU B 179 4.62 13.69 10.63
C LEU B 179 5.50 14.75 11.29
N SER B 180 6.29 15.44 10.47
N SER B 180 6.25 15.46 10.45
CA SER B 180 7.03 16.61 10.91
CA SER B 180 7.02 16.60 10.86
C SER B 180 6.79 17.74 9.92
C SER B 180 6.74 17.75 9.92
N SER B 181 7.09 18.96 10.37
CA SER B 181 7.00 20.15 9.54
C SER B 181 8.29 20.93 9.74
N SER B 182 8.79 21.52 8.66
CA SER B 182 10.01 22.31 8.75
C SER B 182 9.74 23.75 8.32
N VAL B 183 10.56 24.66 8.85
CA VAL B 183 10.50 26.06 8.47
C VAL B 183 11.93 26.61 8.49
N THR B 184 12.20 27.54 7.57
CA THR B 184 13.52 28.15 7.50
C THR B 184 13.39 29.67 7.64
N VAL B 185 14.18 30.25 8.53
CA VAL B 185 14.14 31.69 8.81
C VAL B 185 15.56 32.23 8.80
N PRO B 186 15.72 33.54 8.66
CA PRO B 186 17.06 34.12 8.80
C PRO B 186 17.60 33.88 10.22
N SER B 187 18.86 33.48 10.29
N SER B 187 18.87 33.47 10.29
CA SER B 187 19.46 33.15 11.58
CA SER B 187 19.46 33.16 11.59
C SER B 187 19.50 34.36 12.51
C SER B 187 19.49 34.37 12.51
N SER B 188 19.58 35.58 11.95
CA SER B 188 19.60 36.77 12.78
C SER B 188 18.28 37.02 13.49
N THR B 189 17.19 36.35 13.10
CA THR B 189 15.87 36.59 13.67
C THR B 189 15.43 35.53 14.66
N TRP B 190 16.24 34.49 14.91
CA TRP B 190 15.88 33.47 15.87
C TRP B 190 17.04 33.30 16.85
N PRO B 191 16.80 33.37 18.16
CA PRO B 191 15.49 33.44 18.83
C PRO B 191 14.92 34.82 19.10
N SER B 192 15.52 35.89 18.57
CA SER B 192 15.04 37.23 18.91
C SER B 192 13.59 37.46 18.47
N GLU B 193 13.15 36.81 17.39
CA GLU B 193 11.74 36.75 17.03
C GLU B 193 11.23 35.33 17.22
N THR B 194 10.11 35.19 17.90
CA THR B 194 9.65 33.86 18.27
C THR B 194 9.17 33.09 17.05
N VAL B 195 9.47 31.79 17.04
CA VAL B 195 9.00 30.89 15.99
C VAL B 195 8.18 29.79 16.69
N THR B 196 6.91 29.67 16.29
CA THR B 196 5.97 28.78 16.94
C THR B 196 5.25 27.95 15.89
N CYS B 197 5.20 26.63 16.08
CA CYS B 197 4.33 25.82 15.24
C CYS B 197 2.96 25.68 15.89
N ASN B 198 1.93 25.83 15.07
CA ASN B 198 0.54 25.74 15.50
C ASN B 198 -0.01 24.43 14.93
N VAL B 199 -0.23 23.45 15.79
CA VAL B 199 -0.66 22.12 15.38
C VAL B 199 -2.12 21.94 15.75
N ALA B 200 -2.91 21.41 14.82
CA ALA B 200 -4.30 21.07 15.11
C ALA B 200 -4.55 19.62 14.72
N HIS B 201 -5.16 18.86 15.63
CA HIS B 201 -5.64 17.51 15.34
C HIS B 201 -7.12 17.55 15.63
N PRO B 202 -7.95 17.86 14.63
CA PRO B 202 -9.37 18.12 14.92
C PRO B 202 -10.12 16.95 15.53
N ALA B 203 -9.78 15.72 15.14
CA ALA B 203 -10.57 14.58 15.61
C ALA B 203 -10.45 14.39 17.11
N SER B 204 -9.36 14.87 17.72
CA SER B 204 -9.19 14.80 19.18
C SER B 204 -9.36 16.16 19.86
N SER B 205 -9.86 17.17 19.14
CA SER B 205 -10.07 18.50 19.69
C SER B 205 -8.79 19.11 20.25
N THR B 206 -7.64 18.75 19.66
CA THR B 206 -6.33 19.16 20.17
C THR B 206 -5.78 20.31 19.33
N LYS B 207 -5.42 21.39 19.99
CA LYS B 207 -4.62 22.46 19.40
C LYS B 207 -3.45 22.76 20.31
N VAL B 208 -2.25 22.80 19.74
CA VAL B 208 -0.99 22.95 20.48
C VAL B 208 -0.16 23.99 19.76
N ASP B 209 0.35 24.96 20.50
CA ASP B 209 1.31 25.93 19.96
C ASP B 209 2.65 25.67 20.63
N LYS B 210 3.65 25.25 19.85
CA LYS B 210 4.94 24.85 20.40
C LYS B 210 5.98 25.87 19.95
N LYS B 211 6.52 26.62 20.90
CA LYS B 211 7.60 27.56 20.62
C LYS B 211 8.92 26.81 20.51
N ILE B 212 9.71 27.13 19.48
CA ILE B 212 10.99 26.49 19.27
C ILE B 212 12.06 27.35 19.93
N VAL B 213 12.71 26.81 20.96
CA VAL B 213 13.73 27.54 21.72
C VAL B 213 15.10 26.90 21.51
N PRO B 214 16.18 27.67 21.52
CA PRO B 214 17.51 27.05 21.35
C PRO B 214 17.81 26.10 22.50
N ARG B 215 18.44 24.98 22.16
CA ARG B 215 18.81 23.98 23.15
C ARG B 215 19.81 24.56 24.14
N ASP B 216 19.67 24.17 25.41
CA ASP B 216 20.51 24.75 26.48
C ASP B 216 20.69 23.70 27.56
N CYS B 217 21.93 23.25 27.74
CA CYS B 217 22.26 22.30 28.78
C CYS B 217 23.06 22.99 29.88
N ASP C 1 23.49 -2.97 14.30
CA ASP C 1 23.08 -4.15 13.55
C ASP C 1 23.67 -4.12 12.16
N VAL C 2 24.04 -5.29 11.63
CA VAL C 2 24.54 -5.37 10.27
C VAL C 2 23.41 -5.15 9.27
N VAL C 3 23.69 -4.34 8.25
CA VAL C 3 22.79 -4.11 7.12
C VAL C 3 23.36 -4.83 5.91
N LEU C 4 22.56 -5.71 5.30
CA LEU C 4 22.95 -6.46 4.11
C LEU C 4 22.16 -5.91 2.93
N THR C 5 22.87 -5.43 1.92
CA THR C 5 22.29 -4.74 0.78
C THR C 5 22.47 -5.62 -0.45
N GLN C 6 21.36 -6.09 -1.02
CA GLN C 6 21.38 -6.96 -2.18
C GLN C 6 21.13 -6.15 -3.45
N THR C 7 21.81 -6.53 -4.53
CA THR C 7 21.56 -5.90 -5.82
C THR C 7 21.73 -6.95 -6.92
N PRO C 8 20.85 -6.98 -7.92
CA PRO C 8 19.67 -6.12 -8.00
C PRO C 8 18.56 -6.67 -7.12
N LEU C 9 17.44 -5.97 -7.07
CA LEU C 9 16.33 -6.43 -6.26
C LEU C 9 15.37 -7.34 -7.00
N THR C 10 15.41 -7.31 -8.33
CA THR C 10 14.68 -8.26 -9.16
C THR C 10 15.57 -8.70 -10.31
N LEU C 11 15.32 -9.91 -10.79
CA LEU C 11 15.97 -10.45 -11.97
C LEU C 11 14.93 -11.15 -12.83
N SER C 12 15.13 -11.10 -14.13
CA SER C 12 14.30 -11.80 -15.10
C SER C 12 15.26 -12.46 -16.08
N VAL C 13 15.38 -13.79 -16.04
CA VAL C 13 16.44 -14.52 -16.71
C VAL C 13 15.85 -15.66 -17.53
N THR C 14 16.29 -15.78 -18.78
CA THR C 14 15.85 -16.87 -19.64
C THR C 14 16.47 -18.18 -19.19
N ILE C 15 15.70 -19.27 -19.30
CA ILE C 15 16.23 -20.60 -19.00
C ILE C 15 17.52 -20.83 -19.77
N GLY C 16 18.51 -21.37 -19.08
CA GLY C 16 19.82 -21.60 -19.68
C GLY C 16 20.80 -20.46 -19.54
N GLN C 17 20.34 -19.28 -19.17
CA GLN C 17 21.19 -18.11 -19.02
C GLN C 17 21.66 -17.97 -17.57
N PRO C 18 22.75 -17.25 -17.33
CA PRO C 18 23.26 -17.10 -15.96
C PRO C 18 22.58 -15.97 -15.20
N ALA C 19 22.61 -16.11 -13.87
CA ALA C 19 22.12 -15.09 -12.96
C ALA C 19 23.18 -14.83 -11.90
N SER C 20 23.24 -13.57 -11.43
CA SER C 20 24.21 -13.16 -10.44
C SER C 20 23.56 -12.18 -9.48
N ILE C 21 23.75 -12.42 -8.18
CA ILE C 21 23.20 -11.57 -7.13
C ILE C 21 24.33 -11.16 -6.20
N SER C 22 24.42 -9.86 -5.93
N SER C 22 24.40 -9.87 -5.88
CA SER C 22 25.41 -9.33 -5.01
CA SER C 22 25.45 -9.33 -5.02
C SER C 22 24.79 -9.11 -3.64
C SER C 22 24.87 -8.92 -3.67
N CYS C 23 25.61 -9.25 -2.60
CA CYS C 23 25.22 -8.93 -1.24
C CYS C 23 26.37 -8.21 -0.58
N LYS C 24 26.15 -6.94 -0.20
CA LYS C 24 27.20 -6.14 0.45
C LYS C 24 26.82 -5.90 1.90
N SER C 25 27.77 -6.12 2.80
CA SER C 25 27.56 -5.98 4.24
C SER C 25 28.13 -4.67 4.75
N SER C 26 27.42 -4.06 5.72
CA SER C 26 27.89 -2.85 6.35
C SER C 26 29.01 -3.08 7.36
N GLN C 27 29.29 -4.35 7.70
CA GLN C 27 30.36 -4.70 8.62
C GLN C 27 31.04 -5.97 8.11
N SER C 28 32.30 -6.15 8.49
CA SER C 28 32.99 -7.38 8.15
C SER C 28 32.24 -8.58 8.72
N LEU C 29 32.08 -9.62 7.91
CA LEU C 29 31.42 -10.84 8.37
C LEU C 29 32.41 -11.92 8.78
N LEU C 30 33.69 -11.58 8.90
CA LEU C 30 34.69 -12.54 9.36
C LEU C 30 34.54 -12.73 10.87
N TYR C 31 34.31 -13.97 11.29
CA TYR C 31 34.19 -14.31 12.70
C TYR C 31 35.55 -14.71 13.25
N SER C 32 35.66 -14.71 14.58
CA SER C 32 36.95 -14.91 15.23
C SER C 32 37.56 -16.29 15.01
N ASN C 33 36.77 -17.27 14.54
CA ASN C 33 37.30 -18.59 14.26
C ASN C 33 37.77 -18.76 12.82
N GLY C 34 37.90 -17.66 12.08
CA GLY C 34 38.29 -17.74 10.69
C GLY C 34 37.18 -17.99 9.70
N LYS C 35 35.97 -18.28 10.18
CA LYS C 35 34.84 -18.54 9.28
C LYS C 35 34.04 -17.27 9.05
N THR C 36 33.30 -17.26 7.96
CA THR C 36 32.48 -16.12 7.55
C THR C 36 31.05 -16.61 7.39
N TYR C 37 30.18 -16.24 8.34
CA TYR C 37 28.82 -16.77 8.41
C TYR C 37 27.86 -15.93 7.55
N LEU C 38 28.09 -16.01 6.24
CA LEU C 38 27.20 -15.43 5.25
C LEU C 38 26.62 -16.61 4.48
N ASN C 39 25.30 -16.81 4.61
CA ASN C 39 24.63 -17.92 3.94
C ASN C 39 23.60 -17.36 2.96
N TRP C 40 23.05 -18.24 2.12
CA TRP C 40 22.08 -17.86 1.10
C TRP C 40 20.84 -18.73 1.22
N LEU C 41 19.66 -18.10 1.19
CA LEU C 41 18.39 -18.81 1.26
C LEU C 41 17.57 -18.52 -0.01
N LEU C 42 16.60 -19.40 -0.25
CA LEU C 42 15.65 -19.21 -1.34
C LEU C 42 14.26 -19.52 -0.79
N GLN C 43 13.28 -18.65 -1.06
CA GLN C 43 11.90 -18.87 -0.64
C GLN C 43 10.97 -18.74 -1.83
N ARG C 44 10.17 -19.81 -2.09
CA ARG C 44 9.06 -19.73 -3.03
C ARG C 44 7.82 -19.20 -2.30
N PRO C 45 6.88 -18.57 -3.02
CA PRO C 45 5.71 -17.99 -2.37
C PRO C 45 4.87 -19.03 -1.64
N GLY C 46 4.46 -18.67 -0.42
CA GLY C 46 3.65 -19.54 0.41
C GLY C 46 4.39 -20.66 1.08
N GLN C 47 5.67 -20.85 0.77
CA GLN C 47 6.47 -21.94 1.33
C GLN C 47 7.50 -21.38 2.30
N SER C 48 8.13 -22.28 3.06
CA SER C 48 9.18 -21.87 3.98
C SER C 48 10.47 -21.62 3.21
N PRO C 49 11.36 -20.77 3.74
CA PRO C 49 12.68 -20.61 3.11
C PRO C 49 13.43 -21.93 3.16
N LYS C 50 14.40 -22.07 2.26
CA LYS C 50 15.36 -23.16 2.38
C LYS C 50 16.76 -22.59 2.22
N ARG C 51 17.72 -23.19 2.94
CA ARG C 51 19.10 -22.78 2.79
C ARG C 51 19.72 -23.51 1.60
N LEU C 52 20.44 -22.75 0.78
CA LEU C 52 21.12 -23.30 -0.39
C LEU C 52 22.63 -23.38 -0.21
N ILE C 53 23.20 -22.38 0.45
CA ILE C 53 24.65 -22.23 0.60
C ILE C 53 24.90 -21.76 2.02
N TYR C 54 25.95 -22.29 2.66
CA TYR C 54 26.37 -21.84 3.98
C TYR C 54 27.86 -21.56 3.98
N VAL C 55 28.27 -20.71 4.91
CA VAL C 55 29.62 -20.15 5.00
C VAL C 55 30.20 -19.80 3.62
N VAL C 56 29.54 -18.88 2.92
CA VAL C 56 29.98 -18.26 1.68
C VAL C 56 29.82 -19.18 0.47
N SER C 57 30.34 -20.40 0.56
CA SER C 57 30.49 -21.24 -0.64
C SER C 57 30.06 -22.69 -0.51
N LYS C 58 29.70 -23.22 0.66
CA LYS C 58 29.39 -24.63 0.81
C LYS C 58 27.93 -24.89 0.45
N LEU C 59 27.71 -25.84 -0.46
CA LEU C 59 26.37 -26.14 -0.95
C LEU C 59 25.63 -27.10 -0.02
N ASP C 60 24.37 -26.80 0.25
CA ASP C 60 23.51 -27.73 0.95
C ASP C 60 23.30 -29.00 0.12
N SER C 61 23.11 -30.12 0.83
CA SER C 61 22.86 -31.38 0.15
C SER C 61 21.63 -31.28 -0.73
N GLY C 62 21.73 -31.83 -1.95
CA GLY C 62 20.64 -31.77 -2.89
C GLY C 62 20.58 -30.53 -3.75
N VAL C 63 21.38 -29.52 -3.46
CA VAL C 63 21.40 -28.30 -4.28
C VAL C 63 22.31 -28.52 -5.47
N PRO C 64 21.84 -28.27 -6.70
CA PRO C 64 22.68 -28.54 -7.88
C PRO C 64 23.93 -27.66 -7.91
N ASP C 65 24.97 -28.19 -8.56
CA ASP C 65 26.22 -27.45 -8.71
C ASP C 65 26.10 -26.26 -9.65
N ARG C 66 24.92 -26.00 -10.22
CA ARG C 66 24.70 -24.75 -10.93
C ARG C 66 24.82 -23.54 -10.01
N PHE C 67 24.71 -23.74 -8.70
CA PHE C 67 24.79 -22.66 -7.73
C PHE C 67 26.21 -22.58 -7.18
N THR C 68 26.77 -21.36 -7.15
CA THR C 68 28.07 -21.12 -6.54
C THR C 68 28.00 -19.84 -5.71
N GLY C 69 28.60 -19.87 -4.52
CA GLY C 69 28.72 -18.70 -3.68
C GLY C 69 30.18 -18.29 -3.54
N SER C 70 30.43 -16.98 -3.44
CA SER C 70 31.79 -16.50 -3.32
C SER C 70 31.81 -15.20 -2.54
N GLY C 71 33.02 -14.76 -2.19
CA GLY C 71 33.25 -13.47 -1.60
C GLY C 71 34.00 -13.56 -0.28
N SER C 72 34.17 -12.39 0.34
CA SER C 72 34.84 -12.28 1.63
C SER C 72 34.65 -10.86 2.15
N GLY C 73 34.86 -10.70 3.45
CA GLY C 73 34.85 -9.39 4.07
C GLY C 73 33.47 -8.77 4.09
N THR C 74 33.20 -7.87 3.15
CA THR C 74 31.91 -7.22 3.07
C THR C 74 31.22 -7.43 1.73
N ASP C 75 31.77 -8.23 0.83
CA ASP C 75 31.28 -8.34 -0.53
C ASP C 75 31.11 -9.80 -0.93
N PHE C 76 29.90 -10.19 -1.30
CA PHE C 76 29.56 -11.57 -1.54
C PHE C 76 28.70 -11.68 -2.79
N THR C 77 28.75 -12.84 -3.44
CA THR C 77 28.01 -13.07 -4.67
C THR C 77 27.46 -14.49 -4.71
N LEU C 78 26.21 -14.62 -5.14
CA LEU C 78 25.63 -15.90 -5.52
C LEU C 78 25.45 -15.91 -7.03
N LYS C 79 25.93 -16.98 -7.67
CA LYS C 79 25.80 -17.13 -9.12
C LYS C 79 25.10 -18.43 -9.46
N ILE C 80 24.21 -18.36 -10.46
CA ILE C 80 23.56 -19.52 -11.05
C ILE C 80 24.09 -19.65 -12.47
N SER C 81 24.72 -20.78 -12.77
CA SER C 81 25.42 -20.92 -14.05
C SER C 81 24.43 -20.89 -15.21
N ARG C 82 23.34 -21.64 -15.09
CA ARG C 82 22.26 -21.61 -16.07
C ARG C 82 20.95 -21.80 -15.33
N VAL C 83 20.04 -20.85 -15.48
CA VAL C 83 18.80 -20.85 -14.71
C VAL C 83 17.86 -21.92 -15.23
N GLU C 84 17.15 -22.58 -14.31
CA GLU C 84 16.13 -23.56 -14.63
C GLU C 84 14.80 -23.11 -14.01
N ALA C 85 13.70 -23.65 -14.55
CA ALA C 85 12.36 -23.19 -14.15
C ALA C 85 12.15 -23.22 -12.64
N GLU C 86 12.68 -24.23 -11.96
CA GLU C 86 12.42 -24.42 -10.54
C GLU C 86 13.25 -23.51 -9.64
N ASP C 87 14.11 -22.67 -10.22
CA ASP C 87 14.93 -21.74 -9.44
C ASP C 87 14.17 -20.49 -9.04
N LEU C 88 12.92 -20.35 -9.45
CA LEU C 88 12.18 -19.13 -9.19
C LEU C 88 11.98 -18.88 -7.69
N GLY C 89 11.80 -17.61 -7.34
CA GLY C 89 11.52 -17.21 -5.96
C GLY C 89 12.40 -16.06 -5.53
N VAL C 90 12.46 -15.84 -4.22
CA VAL C 90 13.21 -14.73 -3.64
C VAL C 90 14.45 -15.28 -2.95
N TYR C 91 15.62 -14.77 -3.34
CA TYR C 91 16.89 -15.16 -2.76
C TYR C 91 17.29 -14.13 -1.70
N TYR C 92 17.78 -14.62 -0.57
CA TYR C 92 18.23 -13.78 0.53
C TYR C 92 19.65 -14.18 0.90
N CYS C 93 20.50 -13.18 1.11
CA CYS C 93 21.69 -13.41 1.92
C CYS C 93 21.30 -13.17 3.38
N VAL C 94 22.01 -13.84 4.28
CA VAL C 94 21.73 -13.77 5.70
C VAL C 94 23.05 -13.95 6.43
N GLN C 95 23.25 -13.20 7.52
CA GLN C 95 24.50 -13.25 8.28
C GLN C 95 24.27 -13.69 9.72
N GLY C 96 25.19 -14.51 10.22
CA GLY C 96 25.18 -14.96 11.60
C GLY C 96 26.47 -14.66 12.34
N THR C 97 27.32 -13.82 11.74
CA THR C 97 28.56 -13.42 12.40
C THR C 97 28.31 -12.52 13.59
N HIS C 98 27.40 -11.56 13.46
CA HIS C 98 27.14 -10.57 14.50
C HIS C 98 25.70 -10.69 14.98
N PHE C 99 25.51 -10.66 16.29
CA PHE C 99 24.17 -10.52 16.82
C PHE C 99 23.77 -9.05 16.80
N PRO C 100 22.52 -8.73 16.43
CA PRO C 100 21.49 -9.69 16.04
C PRO C 100 21.66 -10.16 14.59
N PHE C 101 21.33 -11.42 14.33
CA PHE C 101 21.36 -11.91 12.96
C PHE C 101 20.43 -11.06 12.10
N THR C 102 20.83 -10.82 10.86
CA THR C 102 20.05 -10.00 9.94
C THR C 102 20.09 -10.60 8.54
N PHE C 103 19.08 -10.24 7.74
CA PHE C 103 18.90 -10.70 6.38
C PHE C 103 19.04 -9.54 5.40
N GLY C 104 19.42 -9.87 4.17
CA GLY C 104 19.26 -8.92 3.08
C GLY C 104 17.79 -8.72 2.74
N SER C 105 17.51 -7.75 1.87
CA SER C 105 16.11 -7.44 1.59
C SER C 105 15.46 -8.39 0.59
N GLY C 106 16.24 -9.23 -0.09
CA GLY C 106 15.71 -10.20 -1.02
C GLY C 106 15.82 -9.77 -2.47
N THR C 107 16.04 -10.75 -3.35
CA THR C 107 16.10 -10.54 -4.80
C THR C 107 15.16 -11.54 -5.44
N LYS C 108 14.15 -11.05 -6.15
CA LYS C 108 13.11 -11.90 -6.73
C LYS C 108 13.53 -12.30 -8.14
N LEU C 109 13.67 -13.60 -8.37
CA LEU C 109 14.02 -14.14 -9.68
C LEU C 109 12.76 -14.59 -10.42
N GLU C 110 12.49 -13.94 -11.55
CA GLU C 110 11.47 -14.36 -12.50
C GLU C 110 12.14 -15.17 -13.61
N ILE C 111 11.49 -16.25 -14.04
CA ILE C 111 11.97 -17.06 -15.15
C ILE C 111 11.36 -16.52 -16.43
N LYS C 112 12.20 -16.09 -17.36
CA LYS C 112 11.73 -15.58 -18.64
C LYS C 112 11.52 -16.74 -19.59
N ARG C 113 10.37 -16.76 -20.26
CA ARG C 113 10.05 -17.83 -21.20
C ARG C 113 9.42 -17.21 -22.43
N ALA C 114 9.11 -18.06 -23.41
CA ALA C 114 8.44 -17.60 -24.61
C ALA C 114 7.05 -17.07 -24.27
N ASP C 115 6.63 -16.02 -24.97
CA ASP C 115 5.30 -15.46 -24.78
C ASP C 115 4.24 -16.54 -25.01
N ALA C 116 3.19 -16.52 -24.19
CA ALA C 116 2.10 -17.48 -24.31
C ALA C 116 0.78 -16.76 -24.08
N ALA C 117 -0.21 -17.05 -24.92
CA ALA C 117 -1.51 -16.40 -24.79
C ALA C 117 -2.31 -17.08 -23.67
N PRO C 118 -3.24 -16.35 -23.05
CA PRO C 118 -4.03 -16.95 -21.97
C PRO C 118 -5.14 -17.82 -22.50
N THR C 119 -5.51 -18.81 -21.69
CA THR C 119 -6.74 -19.58 -21.91
C THR C 119 -7.81 -18.95 -21.04
N VAL C 120 -8.88 -18.44 -21.67
CA VAL C 120 -9.87 -17.61 -20.99
C VAL C 120 -11.16 -18.39 -20.80
N SER C 121 -11.72 -18.31 -19.58
CA SER C 121 -12.99 -18.93 -19.27
C SER C 121 -13.84 -17.96 -18.46
N ILE C 122 -15.14 -17.93 -18.77
CA ILE C 122 -16.09 -17.08 -18.06
C ILE C 122 -17.15 -17.94 -17.38
N PHE C 123 -17.60 -17.51 -16.20
CA PHE C 123 -18.55 -18.28 -15.41
C PHE C 123 -19.70 -17.39 -14.93
N PRO C 124 -20.95 -17.80 -15.15
CA PRO C 124 -22.10 -17.07 -14.60
C PRO C 124 -22.17 -17.24 -13.09
N PRO C 125 -22.95 -16.40 -12.41
CA PRO C 125 -23.22 -16.64 -10.97
C PRO C 125 -23.87 -18.00 -10.78
N SER C 126 -23.58 -18.62 -9.64
CA SER C 126 -24.20 -19.90 -9.33
C SER C 126 -25.64 -19.68 -8.86
N SER C 127 -26.47 -20.68 -9.07
CA SER C 127 -27.85 -20.59 -8.58
C SER C 127 -27.87 -20.43 -7.07
N GLU C 128 -26.93 -21.08 -6.38
CA GLU C 128 -26.87 -20.93 -4.93
C GLU C 128 -26.60 -19.48 -4.53
N GLN C 129 -25.68 -18.81 -5.20
CA GLN C 129 -25.41 -17.41 -4.88
C GLN C 129 -26.60 -16.53 -5.21
N LEU C 130 -27.23 -16.75 -6.37
CA LEU C 130 -28.41 -15.97 -6.75
C LEU C 130 -29.54 -16.14 -5.75
N THR C 131 -29.73 -17.37 -5.24
CA THR C 131 -30.79 -17.60 -4.25
C THR C 131 -30.58 -16.72 -3.01
N SER C 132 -29.31 -16.49 -2.63
CA SER C 132 -29.00 -15.64 -1.49
C SER C 132 -29.02 -14.15 -1.83
N GLY C 133 -29.26 -13.78 -3.09
CA GLY C 133 -29.39 -12.39 -3.45
C GLY C 133 -28.15 -11.72 -4.03
N GLY C 134 -27.06 -12.46 -4.23
CA GLY C 134 -25.85 -11.92 -4.81
C GLY C 134 -25.60 -12.47 -6.21
N ALA C 135 -24.64 -11.86 -6.90
CA ALA C 135 -24.28 -12.30 -8.25
C ALA C 135 -22.85 -11.89 -8.58
N SER C 136 -21.94 -12.86 -8.56
CA SER C 136 -20.57 -12.62 -8.99
C SER C 136 -20.33 -13.32 -10.32
N VAL C 137 -19.64 -12.63 -11.21
CA VAL C 137 -19.24 -13.18 -12.51
C VAL C 137 -17.72 -13.29 -12.52
N VAL C 138 -17.20 -14.47 -12.86
CA VAL C 138 -15.78 -14.74 -12.74
C VAL C 138 -15.19 -15.05 -14.11
N CYS C 139 -14.02 -14.49 -14.37
CA CYS C 139 -13.25 -14.79 -15.57
C CYS C 139 -11.84 -15.22 -15.17
N PHE C 140 -11.40 -16.37 -15.69
CA PHE C 140 -10.04 -16.84 -15.50
C PHE C 140 -9.25 -16.60 -16.79
N LEU C 141 -8.04 -16.07 -16.64
CA LEU C 141 -7.09 -15.90 -17.74
C LEU C 141 -5.89 -16.72 -17.33
N ASN C 142 -5.77 -17.94 -17.85
CA ASN C 142 -4.86 -18.94 -17.29
C ASN C 142 -3.68 -19.24 -18.19
N ASN C 143 -2.50 -19.38 -17.57
CA ASN C 143 -1.29 -19.91 -18.18
C ASN C 143 -0.78 -19.05 -19.34
N PHE C 144 -0.41 -17.81 -19.00
CA PHE C 144 0.08 -16.86 -19.99
C PHE C 144 1.44 -16.30 -19.57
N TYR C 145 2.16 -15.70 -20.54
CA TYR C 145 3.41 -15.00 -20.26
C TYR C 145 3.60 -13.96 -21.36
N PRO C 146 4.07 -12.75 -21.05
CA PRO C 146 4.48 -12.26 -19.73
C PRO C 146 3.30 -11.85 -18.84
N LYS C 147 3.64 -11.36 -17.64
CA LYS C 147 2.65 -11.11 -16.60
C LYS C 147 1.69 -10.01 -16.97
N ASP C 148 2.13 -9.01 -17.73
CA ASP C 148 1.28 -7.88 -18.07
C ASP C 148 0.11 -8.33 -18.94
N ILE C 149 -1.10 -7.97 -18.53
CA ILE C 149 -2.31 -8.32 -19.25
C ILE C 149 -3.39 -7.34 -18.83
N ASN C 150 -4.37 -7.15 -19.70
N ASN C 150 -4.37 -7.15 -19.70
CA ASN C 150 -5.48 -6.25 -19.40
CA ASN C 150 -5.49 -6.25 -19.48
C ASN C 150 -6.80 -6.96 -19.65
C ASN C 150 -6.80 -7.02 -19.63
N VAL C 151 -7.76 -6.74 -18.77
CA VAL C 151 -9.09 -7.33 -18.85
C VAL C 151 -10.12 -6.22 -18.88
N LYS C 152 -11.11 -6.37 -19.76
CA LYS C 152 -12.22 -5.43 -19.84
C LYS C 152 -13.52 -6.21 -19.77
N TRP C 153 -14.44 -5.77 -18.93
CA TRP C 153 -15.77 -6.35 -18.83
C TRP C 153 -16.76 -5.51 -19.64
N LYS C 154 -17.74 -6.18 -20.21
CA LYS C 154 -18.84 -5.50 -20.88
C LYS C 154 -20.16 -6.16 -20.47
N ILE C 155 -21.17 -5.33 -20.25
CA ILE C 155 -22.51 -5.78 -19.91
C ILE C 155 -23.45 -5.24 -20.98
N ASP C 156 -24.11 -6.15 -21.69
CA ASP C 156 -24.95 -5.80 -22.84
C ASP C 156 -24.20 -4.94 -23.85
N GLY C 157 -22.93 -5.28 -24.06
CA GLY C 157 -22.09 -4.61 -25.01
C GLY C 157 -21.44 -3.33 -24.52
N SER C 158 -21.82 -2.84 -23.35
N SER C 158 -21.82 -2.84 -23.35
CA SER C 158 -21.29 -1.58 -22.82
CA SER C 158 -21.30 -1.58 -22.80
C SER C 158 -20.26 -1.85 -21.73
C SER C 158 -20.25 -1.87 -21.74
N GLU C 159 -19.18 -1.08 -21.75
CA GLU C 159 -18.08 -1.29 -20.82
C GLU C 159 -18.50 -1.12 -19.37
N ARG C 160 -18.08 -2.06 -18.53
CA ARG C 160 -18.43 -2.08 -17.11
C ARG C 160 -17.17 -1.94 -16.28
N GLN C 161 -17.09 -0.89 -15.49
CA GLN C 161 -15.94 -0.65 -14.63
C GLN C 161 -16.22 -0.87 -13.16
N ASN C 162 -17.43 -0.56 -12.70
CA ASN C 162 -17.76 -0.70 -11.28
C ASN C 162 -17.62 -2.16 -10.85
N GLY C 163 -16.99 -2.38 -9.70
CA GLY C 163 -17.09 -3.65 -9.01
C GLY C 163 -16.23 -4.78 -9.53
N VAL C 164 -15.07 -4.47 -10.09
CA VAL C 164 -14.17 -5.47 -10.65
C VAL C 164 -12.92 -5.56 -9.78
N LEU C 165 -12.55 -6.78 -9.41
CA LEU C 165 -11.32 -7.03 -8.68
C LEU C 165 -10.49 -8.10 -9.40
N ASN C 166 -9.19 -7.88 -9.49
CA ASN C 166 -8.29 -8.74 -10.23
C ASN C 166 -7.21 -9.30 -9.32
N SER C 167 -6.77 -10.53 -9.60
CA SER C 167 -5.73 -11.16 -8.81
C SER C 167 -4.85 -12.05 -9.68
N TRP C 168 -3.53 -11.83 -9.63
CA TRP C 168 -2.56 -12.65 -10.36
C TRP C 168 -1.97 -13.70 -9.44
N THR C 169 -1.77 -14.91 -9.95
CA THR C 169 -0.98 -15.90 -9.25
C THR C 169 0.50 -15.53 -9.30
N ASP C 170 1.26 -16.13 -8.38
CA ASP C 170 2.71 -16.14 -8.53
C ASP C 170 3.10 -17.04 -9.70
N GLN C 171 4.30 -16.80 -10.23
CA GLN C 171 4.76 -17.54 -11.40
C GLN C 171 4.79 -19.05 -11.11
N ASP C 172 4.39 -19.84 -12.10
CA ASP C 172 4.35 -21.28 -11.93
C ASP C 172 5.75 -21.88 -11.92
N SER C 173 5.99 -22.80 -10.97
CA SER C 173 7.32 -23.37 -10.80
C SER C 173 7.70 -24.35 -11.91
N LYS C 174 6.73 -24.84 -12.68
CA LYS C 174 6.99 -25.80 -13.75
C LYS C 174 6.97 -25.17 -15.14
N ASP C 175 5.89 -24.48 -15.49
CA ASP C 175 5.75 -23.94 -16.84
C ASP C 175 6.06 -22.45 -16.94
N SER C 176 6.40 -21.80 -15.83
CA SER C 176 6.84 -20.41 -15.80
C SER C 176 5.77 -19.43 -16.28
N THR C 177 4.50 -19.82 -16.26
CA THR C 177 3.44 -18.89 -16.67
C THR C 177 2.84 -18.20 -15.46
N TYR C 178 1.96 -17.25 -15.74
CA TYR C 178 1.10 -16.60 -14.78
C TYR C 178 -0.34 -16.89 -15.13
N SER C 179 -1.21 -16.74 -14.13
CA SER C 179 -2.65 -16.73 -14.37
C SER C 179 -3.23 -15.56 -13.59
N MET C 180 -4.44 -15.14 -13.99
N MET C 180 -4.44 -15.16 -13.98
CA MET C 180 -5.12 -14.04 -13.34
CA MET C 180 -5.10 -14.08 -13.27
C MET C 180 -6.61 -14.31 -13.31
C MET C 180 -6.60 -14.31 -13.30
N SER C 181 -7.26 -13.92 -12.21
CA SER C 181 -8.71 -13.96 -12.12
C SER C 181 -9.23 -12.54 -12.12
N SER C 182 -10.38 -12.34 -12.75
CA SER C 182 -11.09 -11.07 -12.71
C SER C 182 -12.52 -11.38 -12.29
N THR C 183 -13.01 -10.70 -11.25
CA THR C 183 -14.32 -11.00 -10.69
C THR C 183 -15.15 -9.73 -10.66
N LEU C 184 -16.33 -9.80 -11.27
CA LEU C 184 -17.27 -8.70 -11.31
C LEU C 184 -18.37 -8.96 -10.30
N THR C 185 -18.51 -8.09 -9.30
CA THR C 185 -19.49 -8.27 -8.25
C THR C 185 -20.71 -7.41 -8.52
N LEU C 186 -21.88 -8.03 -8.54
CA LEU C 186 -23.17 -7.36 -8.72
C LEU C 186 -24.16 -7.88 -7.71
N THR C 187 -25.23 -7.12 -7.46
CA THR C 187 -26.37 -7.69 -6.77
C THR C 187 -27.20 -8.47 -7.78
N LYS C 188 -28.05 -9.38 -7.26
CA LYS C 188 -28.92 -10.15 -8.13
C LYS C 188 -29.81 -9.25 -8.97
N ASP C 189 -30.51 -8.32 -8.32
CA ASP C 189 -31.41 -7.42 -9.04
C ASP C 189 -30.68 -6.69 -10.16
N GLU C 190 -29.41 -6.31 -9.94
CA GLU C 190 -28.63 -5.68 -11.00
C GLU C 190 -28.32 -6.68 -12.12
N TYR C 191 -27.87 -7.89 -11.74
CA TYR C 191 -27.55 -8.92 -12.73
C TYR C 191 -28.76 -9.25 -13.61
N GLU C 192 -29.96 -9.26 -13.02
CA GLU C 192 -31.18 -9.61 -13.73
C GLU C 192 -31.69 -8.51 -14.64
N ARG C 193 -31.14 -7.30 -14.54
CA ARG C 193 -31.49 -6.19 -15.42
C ARG C 193 -30.79 -6.24 -16.78
N HIS C 194 -29.85 -7.17 -16.97
CA HIS C 194 -29.03 -7.20 -18.18
C HIS C 194 -28.86 -8.66 -18.60
N ASN C 195 -28.38 -8.86 -19.84
CA ASN C 195 -28.35 -10.21 -20.39
C ASN C 195 -26.97 -10.72 -20.78
N SER C 196 -26.20 -9.95 -21.55
N SER C 196 -26.22 -9.95 -21.57
CA SER C 196 -24.95 -10.44 -22.12
CA SER C 196 -24.95 -10.41 -22.10
C SER C 196 -23.77 -9.94 -21.30
C SER C 196 -23.82 -9.94 -21.20
N TYR C 197 -22.96 -10.87 -20.80
CA TYR C 197 -21.81 -10.56 -19.95
C TYR C 197 -20.56 -11.04 -20.66
N THR C 198 -19.57 -10.17 -20.78
CA THR C 198 -18.40 -10.43 -21.61
C THR C 198 -17.12 -10.08 -20.88
N CYS C 199 -16.16 -10.98 -20.97
CA CYS C 199 -14.80 -10.78 -20.48
C CYS C 199 -13.88 -10.72 -21.69
N GLU C 200 -13.09 -9.65 -21.80
CA GLU C 200 -12.19 -9.44 -22.92
C GLU C 200 -10.75 -9.33 -22.42
N ALA C 201 -9.88 -10.20 -22.91
CA ALA C 201 -8.49 -10.26 -22.47
C ALA C 201 -7.59 -9.74 -23.59
N THR C 202 -6.80 -8.70 -23.28
CA THR C 202 -5.82 -8.15 -24.22
C THR C 202 -4.41 -8.44 -23.70
N HIS C 203 -3.61 -9.11 -24.52
CA HIS C 203 -2.28 -9.56 -24.14
C HIS C 203 -1.36 -9.36 -25.34
N LYS C 204 -0.08 -9.15 -25.05
CA LYS C 204 0.87 -8.82 -26.11
C LYS C 204 0.99 -9.89 -27.18
N THR C 205 0.40 -11.07 -26.96
CA THR C 205 0.47 -12.16 -27.92
C THR C 205 -0.44 -11.96 -29.13
N SER C 206 -1.35 -10.98 -29.10
CA SER C 206 -2.22 -10.77 -30.25
C SER C 206 -2.74 -9.35 -30.26
N THR C 207 -3.05 -8.85 -31.46
CA THR C 207 -3.64 -7.53 -31.59
C THR C 207 -5.10 -7.54 -31.17
N SER C 208 -5.81 -8.62 -31.47
CA SER C 208 -7.23 -8.71 -31.12
C SER C 208 -7.40 -9.35 -29.75
N PRO C 209 -8.32 -8.86 -28.93
CA PRO C 209 -8.53 -9.46 -27.61
C PRO C 209 -9.20 -10.81 -27.73
N ILE C 210 -9.03 -11.62 -26.68
CA ILE C 210 -9.75 -12.88 -26.55
C ILE C 210 -11.05 -12.58 -25.83
N VAL C 211 -12.17 -12.98 -26.42
CA VAL C 211 -13.50 -12.60 -25.96
C VAL C 211 -14.26 -13.85 -25.56
N LYS C 212 -14.70 -13.90 -24.30
CA LYS C 212 -15.59 -14.94 -23.81
C LYS C 212 -16.83 -14.29 -23.21
N SER C 213 -17.99 -14.87 -23.49
N SER C 213 -18.00 -14.85 -23.51
CA SER C 213 -19.24 -14.26 -23.04
CA SER C 213 -19.27 -14.25 -23.11
C SER C 213 -20.29 -15.33 -22.78
C SER C 213 -20.28 -15.33 -22.76
N PHE C 214 -21.34 -14.93 -22.07
CA PHE C 214 -22.51 -15.76 -21.88
C PHE C 214 -23.73 -14.85 -21.79
N ASN C 215 -24.90 -15.45 -21.99
CA ASN C 215 -26.19 -14.76 -21.87
C ASN C 215 -26.92 -15.31 -20.65
N ARG C 216 -27.35 -14.40 -19.77
CA ARG C 216 -28.09 -14.82 -18.58
C ARG C 216 -29.31 -15.65 -18.94
N ASN C 217 -30.03 -15.26 -20.00
CA ASN C 217 -31.28 -15.92 -20.34
C ASN C 217 -31.11 -17.15 -21.22
N GLU C 218 -29.91 -17.73 -21.27
CA GLU C 218 -29.70 -18.95 -22.03
C GLU C 218 -28.44 -19.67 -21.58
N VAL D 2 13.34 -35.20 10.45
CA VAL D 2 13.31 -33.98 11.27
C VAL D 2 12.14 -33.13 10.83
N GLN D 3 11.26 -32.81 11.78
CA GLN D 3 10.05 -32.06 11.47
C GLN D 3 9.80 -31.03 12.56
N LEU D 4 9.33 -29.86 12.14
CA LEU D 4 8.91 -28.78 13.04
C LEU D 4 7.47 -28.44 12.68
N GLN D 5 6.54 -28.79 13.55
CA GLN D 5 5.11 -28.63 13.28
C GLN D 5 4.63 -27.41 14.07
N GLN D 6 4.22 -26.37 13.36
CA GLN D 6 3.77 -25.15 14.01
C GLN D 6 2.27 -25.14 14.18
N SER D 7 1.81 -24.35 15.15
CA SER D 7 0.38 -24.20 15.38
C SER D 7 -0.29 -23.42 14.25
N GLY D 8 -1.64 -23.44 14.27
CA GLY D 8 -2.41 -22.89 13.17
C GLY D 8 -2.56 -21.37 13.23
N ALA D 9 -3.17 -20.84 12.18
CA ALA D 9 -3.35 -19.40 12.04
C ALA D 9 -4.16 -18.83 13.19
N GLU D 10 -3.83 -17.59 13.56
CA GLU D 10 -4.43 -16.92 14.71
C GLU D 10 -5.01 -15.58 14.30
N LEU D 11 -6.13 -15.24 14.91
CA LEU D 11 -6.69 -13.89 14.89
C LEU D 11 -6.61 -13.36 16.32
N VAL D 12 -5.96 -12.21 16.49
CA VAL D 12 -5.67 -11.64 17.80
C VAL D 12 -6.16 -10.20 17.83
N ARG D 13 -6.81 -9.80 18.95
CA ARG D 13 -7.22 -8.40 19.07
C ARG D 13 -6.02 -7.50 19.40
N PRO D 14 -6.00 -6.29 18.87
CA PRO D 14 -4.95 -5.33 19.27
C PRO D 14 -4.89 -5.20 20.78
N GLY D 15 -3.66 -5.24 21.32
CA GLY D 15 -3.43 -5.13 22.74
C GLY D 15 -3.39 -6.45 23.47
N SER D 16 -3.91 -7.53 22.86
N SER D 16 -3.93 -7.52 22.88
CA SER D 16 -3.88 -8.84 23.48
CA SER D 16 -3.87 -8.83 23.52
C SER D 16 -2.55 -9.53 23.16
C SER D 16 -2.54 -9.51 23.19
N SER D 17 -2.41 -10.76 23.64
CA SER D 17 -1.22 -11.55 23.41
C SER D 17 -1.60 -12.84 22.71
N VAL D 18 -0.59 -13.52 22.19
CA VAL D 18 -0.80 -14.83 21.57
C VAL D 18 0.47 -15.65 21.77
N LYS D 19 0.28 -16.96 21.91
CA LYS D 19 1.41 -17.87 22.10
C LYS D 19 1.31 -18.92 21.00
N ILE D 20 2.34 -19.00 20.18
CA ILE D 20 2.38 -19.95 19.07
C ILE D 20 3.45 -21.01 19.35
N SER D 21 3.27 -22.19 18.77
CA SER D 21 4.08 -23.34 19.12
C SER D 21 4.78 -23.97 17.92
N CYS D 22 5.85 -24.71 18.21
CA CYS D 22 6.70 -25.35 17.21
C CYS D 22 7.15 -26.69 17.81
N LYS D 23 6.49 -27.77 17.38
CA LYS D 23 6.72 -29.10 17.94
C LYS D 23 7.74 -29.85 17.09
N ALA D 24 8.83 -30.24 17.72
CA ALA D 24 9.97 -30.85 17.05
C ALA D 24 9.96 -32.36 17.20
N SER D 25 10.47 -33.03 16.16
CA SER D 25 10.62 -34.49 16.19
C SER D 25 11.73 -34.88 15.23
N GLY D 26 12.23 -36.11 15.40
CA GLY D 26 13.19 -36.68 14.48
C GLY D 26 14.64 -36.53 14.87
N TYR D 27 14.94 -35.93 16.03
CA TYR D 27 16.30 -35.66 16.46
C TYR D 27 16.21 -35.32 17.95
N ILE D 28 17.36 -35.16 18.58
CA ILE D 28 17.39 -34.83 20.02
C ILE D 28 17.10 -33.34 20.18
N PHE D 29 15.86 -33.03 20.59
CA PHE D 29 15.39 -31.64 20.72
C PHE D 29 16.28 -30.81 21.62
N ASN D 30 16.80 -31.41 22.70
CA ASN D 30 17.56 -30.63 23.67
C ASN D 30 18.86 -30.05 23.10
N ASN D 31 19.36 -30.58 21.98
CA ASN D 31 20.73 -30.31 21.56
C ASN D 31 20.86 -29.30 20.42
N TYR D 32 19.78 -28.68 19.96
CA TYR D 32 19.84 -27.81 18.79
C TYR D 32 19.12 -26.50 19.04
N TRP D 33 19.73 -25.40 18.62
CA TRP D 33 19.08 -24.10 18.69
C TRP D 33 17.89 -24.01 17.76
N ILE D 34 16.80 -23.43 18.27
CA ILE D 34 15.60 -23.10 17.49
C ILE D 34 15.56 -21.60 17.30
N ASN D 35 15.54 -21.16 16.06
CA ASN D 35 15.39 -19.76 15.70
C ASN D 35 13.95 -19.45 15.33
N TRP D 36 13.55 -18.19 15.57
CA TRP D 36 12.26 -17.68 15.14
C TRP D 36 12.45 -16.51 14.20
N VAL D 37 11.68 -16.49 13.12
CA VAL D 37 11.82 -15.56 12.02
C VAL D 37 10.44 -14.99 11.66
N LYS D 38 10.41 -13.68 11.40
CA LYS D 38 9.19 -12.94 11.07
C LYS D 38 9.19 -12.59 9.59
N GLN D 39 8.03 -12.70 8.95
N GLN D 39 8.04 -12.73 8.96
CA GLN D 39 7.87 -12.33 7.54
CA GLN D 39 7.84 -12.33 7.56
C GLN D 39 6.56 -11.56 7.40
C GLN D 39 6.54 -11.55 7.47
N ARG D 40 6.63 -10.23 7.37
CA ARG D 40 5.43 -9.42 7.28
C ARG D 40 4.86 -9.50 5.88
N PRO D 41 3.51 -9.39 5.73
CA PRO D 41 2.88 -9.62 4.42
C PRO D 41 3.54 -8.84 3.29
N GLY D 42 4.20 -9.55 2.39
CA GLY D 42 4.84 -8.94 1.25
C GLY D 42 6.22 -8.40 1.49
N GLN D 43 6.83 -8.65 2.64
N GLN D 43 6.82 -8.65 2.65
CA GLN D 43 8.14 -8.13 2.96
CA GLN D 43 8.12 -8.12 3.03
C GLN D 43 9.14 -9.26 3.17
C GLN D 43 9.13 -9.26 3.20
N GLY D 44 10.38 -8.88 3.50
CA GLY D 44 11.46 -9.83 3.68
C GLY D 44 11.40 -10.55 5.01
N LEU D 45 12.55 -10.99 5.48
CA LEU D 45 12.66 -11.83 6.67
C LEU D 45 13.44 -11.10 7.76
N GLU D 46 13.07 -11.37 9.01
CA GLU D 46 13.70 -10.73 10.15
C GLU D 46 13.87 -11.73 11.27
N TRP D 47 15.02 -11.68 11.94
CA TRP D 47 15.31 -12.62 13.03
C TRP D 47 14.80 -12.06 14.36
N ILE D 48 14.03 -12.87 15.09
CA ILE D 48 13.49 -12.47 16.40
C ILE D 48 14.40 -12.88 17.54
N GLY D 49 14.86 -14.13 17.54
CA GLY D 49 15.57 -14.66 18.68
C GLY D 49 15.69 -16.15 18.55
N GLN D 50 16.33 -16.77 19.55
CA GLN D 50 16.58 -18.20 19.51
C GLN D 50 16.60 -18.75 20.92
N ILE D 51 16.30 -20.04 21.04
CA ILE D 51 16.33 -20.75 22.31
C ILE D 51 17.07 -22.06 22.15
N TYR D 52 17.81 -22.44 23.19
CA TYR D 52 18.48 -23.73 23.25
C TYR D 52 17.68 -24.58 24.22
N PRO D 53 16.94 -25.60 23.75
CA PRO D 53 15.96 -26.23 24.64
C PRO D 53 16.56 -26.98 25.81
N GLY D 54 17.80 -27.46 25.69
CA GLY D 54 18.39 -28.26 26.74
C GLY D 54 18.46 -27.56 28.09
N ASP D 55 18.53 -26.23 28.08
CA ASP D 55 18.59 -25.48 29.33
C ASP D 55 17.79 -24.18 29.33
N GLY D 56 17.05 -23.87 28.25
CA GLY D 56 16.27 -22.66 28.19
C GLY D 56 17.03 -21.39 27.89
N ASP D 57 18.32 -21.48 27.60
CA ASP D 57 19.11 -20.32 27.19
C ASP D 57 18.47 -19.63 26.01
N THR D 58 18.50 -18.30 26.00
CA THR D 58 17.91 -17.52 24.92
C THR D 58 18.84 -16.39 24.49
N ASN D 59 18.82 -16.10 23.19
CA ASN D 59 19.44 -14.91 22.63
C ASN D 59 18.37 -14.18 21.82
N TYR D 60 18.08 -12.94 22.19
CA TYR D 60 17.07 -12.16 21.52
C TYR D 60 17.72 -11.07 20.67
N ASN D 61 17.09 -10.79 19.53
CA ASN D 61 17.25 -9.50 18.90
C ASN D 61 16.67 -8.46 19.86
N GLY D 62 17.49 -7.46 20.23
CA GLY D 62 17.02 -6.47 21.19
C GLY D 62 15.75 -5.77 20.76
N LYS D 63 15.52 -5.70 19.44
CA LYS D 63 14.30 -5.08 18.92
C LYS D 63 13.04 -5.80 19.38
N PHE D 64 13.13 -7.09 19.67
CA PHE D 64 11.98 -7.88 20.08
C PHE D 64 11.91 -8.15 21.57
N LYS D 65 12.85 -7.62 22.37
CA LYS D 65 12.76 -7.74 23.81
C LYS D 65 11.49 -7.02 24.31
N GLY D 66 10.73 -7.70 25.16
CA GLY D 66 9.46 -7.17 25.62
C GLY D 66 8.32 -7.34 24.66
N LYS D 67 8.59 -7.75 23.42
CA LYS D 67 7.54 -8.15 22.48
C LYS D 67 7.42 -9.66 22.37
N ALA D 68 8.54 -10.37 22.31
CA ALA D 68 8.56 -11.81 22.14
C ALA D 68 9.22 -12.47 23.34
N THR D 69 8.62 -13.56 23.82
CA THR D 69 9.18 -14.38 24.89
C THR D 69 9.27 -15.81 24.38
N LEU D 70 10.47 -16.39 24.42
CA LEU D 70 10.71 -17.73 23.91
C LEU D 70 10.87 -18.70 25.07
N THR D 71 10.13 -19.80 25.02
CA THR D 71 10.25 -20.87 25.99
C THR D 71 10.35 -22.21 25.25
N ALA D 72 10.66 -23.26 25.99
CA ALA D 72 10.76 -24.59 25.41
C ALA D 72 10.39 -25.61 26.47
N ASP D 73 9.49 -26.53 26.13
CA ASP D 73 9.07 -27.60 27.02
C ASP D 73 9.77 -28.88 26.56
N LYS D 74 10.71 -29.37 27.37
CA LYS D 74 11.47 -30.55 27.01
C LYS D 74 10.61 -31.80 26.95
N SER D 75 9.61 -31.90 27.81
CA SER D 75 8.82 -33.14 27.88
C SER D 75 7.94 -33.30 26.66
N SER D 76 7.54 -32.20 26.02
CA SER D 76 6.71 -32.25 24.84
C SER D 76 7.48 -31.90 23.57
N SER D 77 8.79 -31.68 23.68
CA SER D 77 9.64 -31.31 22.55
C SER D 77 9.06 -30.14 21.77
N THR D 78 8.62 -29.12 22.50
CA THR D 78 7.91 -28.00 21.88
C THR D 78 8.54 -26.67 22.28
N ALA D 79 8.80 -25.84 21.27
CA ALA D 79 9.23 -24.48 21.47
C ALA D 79 8.02 -23.57 21.32
N TYR D 80 7.98 -22.51 22.13
CA TYR D 80 6.88 -21.56 22.11
C TYR D 80 7.41 -20.15 21.94
N MET D 81 6.62 -19.33 21.25
CA MET D 81 6.87 -17.89 21.18
C MET D 81 5.60 -17.16 21.57
N GLN D 82 5.68 -16.37 22.64
CA GLN D 82 4.57 -15.53 23.06
C GLN D 82 4.84 -14.11 22.60
N LEU D 83 3.86 -13.52 21.90
CA LEU D 83 3.92 -12.16 21.40
C LEU D 83 2.92 -11.34 22.19
N SER D 84 3.38 -10.25 22.81
CA SER D 84 2.53 -9.49 23.71
C SER D 84 2.18 -8.12 23.15
N SER D 85 1.08 -7.57 23.65
CA SER D 85 0.58 -6.22 23.31
C SER D 85 0.59 -5.99 21.80
N LEU D 86 -0.16 -6.81 21.10
CA LEU D 86 -0.02 -6.86 19.64
C LEU D 86 -0.60 -5.62 18.98
N THR D 87 0.05 -5.18 17.90
CA THR D 87 -0.43 -4.14 17.02
C THR D 87 -0.39 -4.66 15.59
N SER D 88 -0.87 -3.84 14.64
N SER D 88 -0.86 -3.83 14.64
CA SER D 88 -0.86 -4.25 13.23
CA SER D 88 -0.86 -4.22 13.23
C SER D 88 0.53 -4.57 12.72
C SER D 88 0.54 -4.59 12.73
N GLU D 89 1.58 -4.02 13.35
CA GLU D 89 2.96 -4.33 12.96
C GLU D 89 3.31 -5.78 13.24
N ASP D 90 2.55 -6.43 14.12
CA ASP D 90 2.82 -7.82 14.46
C ASP D 90 2.08 -8.80 13.57
N SER D 91 1.21 -8.33 12.67
CA SER D 91 0.61 -9.23 11.68
C SER D 91 1.68 -9.72 10.73
N ALA D 92 1.87 -11.03 10.64
CA ALA D 92 2.97 -11.59 9.87
C ALA D 92 2.86 -13.10 9.90
N VAL D 93 3.62 -13.75 9.04
CA VAL D 93 3.92 -15.17 9.19
C VAL D 93 5.17 -15.32 10.05
N TYR D 94 5.10 -16.20 11.05
CA TYR D 94 6.24 -16.49 11.91
C TYR D 94 6.69 -17.93 11.66
N PHE D 95 7.99 -18.11 11.44
CA PHE D 95 8.58 -19.43 11.21
C PHE D 95 9.48 -19.80 12.38
N CYS D 96 9.48 -21.06 12.76
CA CYS D 96 10.59 -21.58 13.54
C CYS D 96 11.55 -22.35 12.62
N ALA D 97 12.80 -22.44 13.05
CA ALA D 97 13.79 -23.15 12.25
C ALA D 97 14.83 -23.75 13.18
N ARG D 98 15.33 -24.91 12.82
CA ARG D 98 16.36 -25.58 13.61
C ARG D 98 17.70 -25.44 12.92
N GLU D 99 18.63 -24.74 13.59
CA GLU D 99 19.96 -24.54 13.06
C GLU D 99 20.68 -25.87 12.95
N GLY D 100 21.62 -25.96 12.02
CA GLY D 100 22.51 -27.11 11.97
C GLY D 100 23.24 -27.21 10.65
N TYR D 101 24.00 -28.31 10.52
CA TYR D 101 24.62 -28.62 9.24
C TYR D 101 23.57 -28.89 8.16
N ILE D 102 22.36 -29.30 8.58
CA ILE D 102 21.16 -29.22 7.78
C ILE D 102 20.18 -28.38 8.58
N VAL D 103 19.51 -27.44 7.93
CA VAL D 103 18.53 -26.57 8.57
C VAL D 103 17.15 -27.11 8.24
N TYR D 104 16.28 -27.19 9.25
CA TYR D 104 14.89 -27.59 9.07
C TYR D 104 13.97 -26.45 9.48
N TRP D 105 12.79 -26.41 8.87
CA TRP D 105 11.90 -25.26 8.98
C TRP D 105 10.48 -25.71 9.30
N GLY D 106 9.82 -24.94 10.14
CA GLY D 106 8.39 -25.08 10.29
C GLY D 106 7.65 -24.53 9.09
N GLN D 107 6.35 -24.83 9.02
CA GLN D 107 5.56 -24.40 7.87
C GLN D 107 5.07 -22.97 7.99
N GLY D 108 5.29 -22.32 9.14
CA GLY D 108 4.85 -20.94 9.36
C GLY D 108 3.47 -20.89 9.98
N THR D 109 3.26 -19.83 10.79
CA THR D 109 1.99 -19.55 11.43
C THR D 109 1.63 -18.11 11.13
N LEU D 110 0.47 -17.90 10.52
CA LEU D 110 0.02 -16.56 10.17
C LEU D 110 -0.75 -15.98 11.33
N VAL D 111 -0.31 -14.81 11.81
CA VAL D 111 -0.98 -14.08 12.88
C VAL D 111 -1.59 -12.83 12.27
N THR D 112 -2.90 -12.66 12.42
CA THR D 112 -3.59 -11.44 12.00
C THR D 112 -4.03 -10.67 13.24
N VAL D 113 -3.62 -9.42 13.34
CA VAL D 113 -3.99 -8.55 14.46
C VAL D 113 -5.13 -7.67 13.98
N SER D 114 -6.31 -7.85 14.55
CA SER D 114 -7.47 -7.11 14.08
C SER D 114 -8.59 -7.22 15.10
N ALA D 115 -9.41 -6.17 15.16
CA ALA D 115 -10.62 -6.21 15.97
C ALA D 115 -11.81 -6.82 15.26
N ALA D 116 -11.69 -7.15 13.97
CA ALA D 116 -12.81 -7.70 13.23
C ALA D 116 -13.04 -9.17 13.63
N LYS D 117 -14.27 -9.63 13.43
CA LYS D 117 -14.66 -10.96 13.88
C LYS D 117 -14.37 -12.01 12.81
N THR D 118 -14.02 -13.21 13.27
CA THR D 118 -13.88 -14.36 12.38
C THR D 118 -15.17 -14.59 11.62
N THR D 119 -15.05 -14.82 10.32
CA THR D 119 -16.18 -15.06 9.44
C THR D 119 -15.80 -16.18 8.47
N PRO D 120 -16.54 -17.28 8.44
CA PRO D 120 -16.23 -18.36 7.49
C PRO D 120 -16.64 -17.99 6.08
N PRO D 121 -15.98 -18.57 5.08
CA PRO D 121 -16.29 -18.23 3.69
C PRO D 121 -17.61 -18.82 3.23
N SER D 122 -18.22 -18.12 2.26
CA SER D 122 -19.27 -18.68 1.43
C SER D 122 -18.62 -19.24 0.18
N VAL D 123 -18.93 -20.49 -0.15
CA VAL D 123 -18.29 -21.16 -1.28
C VAL D 123 -19.33 -21.45 -2.36
N TYR D 124 -19.02 -21.05 -3.59
CA TYR D 124 -19.95 -21.22 -4.69
C TYR D 124 -19.27 -21.92 -5.86
N PRO D 125 -20.00 -22.77 -6.58
CA PRO D 125 -19.40 -23.47 -7.73
C PRO D 125 -19.32 -22.56 -8.95
N LEU D 126 -18.29 -22.77 -9.75
CA LEU D 126 -18.11 -22.09 -11.03
C LEU D 126 -18.16 -23.18 -12.10
N ALA D 127 -19.29 -23.26 -12.81
CA ALA D 127 -19.49 -24.19 -13.91
C ALA D 127 -19.82 -23.43 -15.19
N PRO D 128 -19.37 -23.92 -16.36
CA PRO D 128 -19.55 -23.25 -17.65
C PRO D 128 -20.99 -22.88 -17.99
N SER D 136 -12.53 -30.81 -25.24
CA SER D 136 -11.29 -31.51 -24.97
C SER D 136 -10.95 -31.47 -23.49
N MET D 137 -10.59 -30.27 -23.02
CA MET D 137 -10.38 -29.99 -21.61
C MET D 137 -11.44 -28.99 -21.18
N VAL D 138 -11.86 -29.09 -19.91
CA VAL D 138 -12.86 -28.19 -19.35
C VAL D 138 -12.31 -27.60 -18.07
N THR D 139 -12.56 -26.30 -17.86
CA THR D 139 -12.11 -25.59 -16.68
C THR D 139 -13.29 -25.30 -15.77
N LEU D 140 -13.14 -25.65 -14.49
CA LEU D 140 -14.13 -25.46 -13.44
C LEU D 140 -13.51 -24.58 -12.36
N GLY D 141 -14.35 -24.16 -11.42
CA GLY D 141 -13.82 -23.32 -10.35
C GLY D 141 -14.68 -23.33 -9.12
N CYS D 142 -14.15 -22.69 -8.08
CA CYS D 142 -14.90 -22.40 -6.87
C CYS D 142 -14.59 -20.97 -6.45
N LEU D 143 -15.64 -20.25 -6.09
CA LEU D 143 -15.55 -18.89 -5.59
C LEU D 143 -15.66 -18.95 -4.07
N VAL D 144 -14.66 -18.41 -3.38
CA VAL D 144 -14.55 -18.50 -1.93
C VAL D 144 -14.66 -17.07 -1.42
N LYS D 145 -15.85 -16.68 -0.96
CA LYS D 145 -16.19 -15.26 -0.81
C LYS D 145 -16.49 -14.89 0.63
N GLY D 146 -15.94 -13.75 1.07
CA GLY D 146 -16.39 -13.10 2.28
C GLY D 146 -15.91 -13.69 3.59
N TYR D 147 -14.64 -14.07 3.68
CA TYR D 147 -14.12 -14.69 4.89
C TYR D 147 -13.13 -13.78 5.60
N PHE D 148 -12.89 -14.07 6.88
CA PHE D 148 -11.89 -13.33 7.62
C PHE D 148 -11.47 -14.13 8.83
N PRO D 149 -10.18 -14.18 9.17
CA PRO D 149 -9.03 -13.63 8.47
C PRO D 149 -8.50 -14.66 7.49
N GLU D 150 -7.35 -14.37 6.90
CA GLU D 150 -6.60 -15.37 6.15
C GLU D 150 -6.08 -16.42 7.12
N PRO D 151 -5.70 -17.60 6.62
CA PRO D 151 -5.78 -18.05 5.24
C PRO D 151 -6.97 -18.99 5.04
N VAL D 152 -7.13 -19.42 3.80
CA VAL D 152 -7.90 -20.63 3.50
C VAL D 152 -6.99 -21.56 2.71
N THR D 153 -7.34 -22.85 2.77
N THR D 153 -7.33 -22.85 2.77
CA THR D 153 -6.70 -23.87 1.96
CA THR D 153 -6.67 -23.85 1.93
C THR D 153 -7.77 -24.47 1.06
C THR D 153 -7.71 -24.52 1.06
N VAL D 154 -7.51 -24.44 -0.24
CA VAL D 154 -8.41 -25.02 -1.23
C VAL D 154 -7.75 -26.25 -1.82
N THR D 155 -8.50 -27.36 -1.86
CA THR D 155 -8.10 -28.56 -2.58
C THR D 155 -9.24 -28.97 -3.49
N TRP D 156 -8.92 -29.89 -4.39
CA TRP D 156 -9.89 -30.47 -5.31
C TRP D 156 -9.87 -31.98 -5.16
N ASN D 157 -11.06 -32.55 -4.96
CA ASN D 157 -11.18 -33.98 -4.67
C ASN D 157 -10.19 -34.41 -3.57
N SER D 158 -10.16 -33.62 -2.52
CA SER D 158 -9.37 -33.91 -1.32
C SER D 158 -7.88 -33.98 -1.61
N GLY D 159 -7.43 -33.32 -2.69
CA GLY D 159 -6.03 -33.34 -3.06
C GLY D 159 -5.68 -34.29 -4.18
N SER D 160 -6.58 -35.20 -4.54
N SER D 160 -6.59 -35.20 -4.55
CA SER D 160 -6.32 -36.12 -5.65
CA SER D 160 -6.32 -36.13 -5.64
C SER D 160 -6.19 -35.39 -6.97
C SER D 160 -6.29 -35.47 -7.01
N LEU D 161 -6.94 -34.30 -7.15
CA LEU D 161 -6.82 -33.48 -8.36
C LEU D 161 -5.85 -32.36 -7.99
N SER D 162 -4.60 -32.49 -8.44
CA SER D 162 -3.56 -31.54 -8.07
C SER D 162 -2.96 -30.80 -9.26
N SER D 163 -2.79 -31.46 -10.39
CA SER D 163 -2.26 -30.78 -11.57
C SER D 163 -3.36 -29.99 -12.26
N GLY D 164 -2.98 -28.86 -12.86
CA GLY D 164 -3.95 -28.02 -13.52
C GLY D 164 -4.80 -27.21 -12.58
N VAL D 165 -4.31 -26.93 -11.37
CA VAL D 165 -5.03 -26.16 -10.36
C VAL D 165 -4.36 -24.80 -10.22
N HIS D 166 -5.18 -23.73 -10.23
CA HIS D 166 -4.74 -22.37 -9.92
C HIS D 166 -5.63 -21.85 -8.79
N THR D 167 -5.05 -21.63 -7.61
CA THR D 167 -5.76 -20.92 -6.55
C THR D 167 -5.21 -19.51 -6.45
N PHE D 168 -6.09 -18.50 -6.70
CA PHE D 168 -5.62 -17.13 -6.82
C PHE D 168 -5.50 -16.47 -5.46
N PRO D 169 -4.52 -15.59 -5.27
CA PRO D 169 -4.38 -14.89 -3.99
C PRO D 169 -5.65 -14.11 -3.65
N ALA D 170 -5.99 -14.11 -2.36
CA ALA D 170 -7.18 -13.39 -1.94
C ALA D 170 -6.95 -11.89 -2.00
N VAL D 171 -8.07 -11.17 -2.18
N VAL D 171 -8.05 -11.17 -2.20
CA VAL D 171 -8.11 -9.71 -2.20
CA VAL D 171 -8.08 -9.72 -2.14
C VAL D 171 -9.26 -9.25 -1.31
C VAL D 171 -9.18 -9.32 -1.18
N LEU D 172 -9.07 -8.11 -0.65
CA LEU D 172 -10.06 -7.57 0.28
C LEU D 172 -11.21 -6.89 -0.45
N GLN D 173 -12.43 -7.20 -0.03
CA GLN D 173 -13.66 -6.64 -0.59
C GLN D 173 -14.64 -6.43 0.57
N SER D 174 -14.98 -5.18 0.84
CA SER D 174 -15.82 -4.84 2.00
C SER D 174 -15.24 -5.40 3.30
N ASP D 175 -13.90 -5.32 3.42
CA ASP D 175 -13.14 -5.73 4.60
C ASP D 175 -13.18 -7.24 4.85
N LEU D 176 -13.59 -8.02 3.86
CA LEU D 176 -13.51 -9.47 3.90
C LEU D 176 -12.71 -9.95 2.70
N TYR D 177 -12.12 -11.12 2.82
CA TYR D 177 -11.30 -11.67 1.75
C TYR D 177 -12.14 -12.49 0.77
N THR D 178 -11.73 -12.47 -0.49
N THR D 178 -11.72 -12.47 -0.50
CA THR D 178 -12.37 -13.28 -1.53
CA THR D 178 -12.34 -13.25 -1.55
C THR D 178 -11.30 -13.81 -2.48
C THR D 178 -11.27 -13.82 -2.47
N LEU D 179 -11.44 -15.07 -2.86
CA LEU D 179 -10.59 -15.66 -3.88
C LEU D 179 -11.38 -16.67 -4.69
N SER D 180 -10.77 -17.12 -5.77
CA SER D 180 -11.29 -18.23 -6.55
C SER D 180 -10.17 -19.23 -6.80
N SER D 181 -10.57 -20.45 -7.13
CA SER D 181 -9.65 -21.51 -7.51
C SER D 181 -10.16 -22.12 -8.80
N SER D 182 -9.25 -22.40 -9.73
CA SER D 182 -9.65 -23.07 -10.97
C SER D 182 -8.98 -24.45 -11.06
N VAL D 183 -9.66 -25.35 -11.75
CA VAL D 183 -9.13 -26.68 -12.04
C VAL D 183 -9.54 -27.05 -13.47
N THR D 184 -8.63 -27.70 -14.18
CA THR D 184 -8.88 -28.10 -15.56
C THR D 184 -8.75 -29.60 -15.65
N VAL D 185 -9.78 -30.26 -16.17
CA VAL D 185 -9.83 -31.73 -16.26
C VAL D 185 -10.19 -32.10 -17.69
N PRO D 186 -9.93 -33.35 -18.09
CA PRO D 186 -10.38 -33.77 -19.41
C PRO D 186 -11.90 -33.72 -19.49
N SER D 187 -12.40 -33.21 -20.61
CA SER D 187 -13.84 -33.11 -20.80
C SER D 187 -14.53 -34.48 -20.73
N SER D 188 -13.78 -35.56 -20.92
CA SER D 188 -14.33 -36.90 -20.73
C SER D 188 -14.46 -37.30 -19.26
N THR D 189 -13.78 -36.60 -18.35
CA THR D 189 -13.90 -36.91 -16.94
C THR D 189 -15.08 -36.19 -16.30
N TRP D 190 -15.16 -34.88 -16.45
CA TRP D 190 -16.32 -34.17 -15.91
C TRP D 190 -17.29 -33.85 -17.04
N PRO D 191 -18.60 -34.01 -16.83
CA PRO D 191 -19.24 -34.34 -15.55
C PRO D 191 -19.43 -35.82 -15.22
N SER D 192 -18.85 -36.74 -16.00
CA SER D 192 -19.05 -38.16 -15.72
C SER D 192 -18.57 -38.53 -14.32
N GLU D 193 -17.43 -37.97 -13.91
CA GLU D 193 -16.89 -38.18 -12.57
C GLU D 193 -17.03 -36.88 -11.78
N THR D 194 -17.24 -37.02 -10.46
CA THR D 194 -17.50 -35.87 -9.62
C THR D 194 -16.24 -35.05 -9.41
N VAL D 195 -16.42 -33.73 -9.33
CA VAL D 195 -15.35 -32.79 -9.03
C VAL D 195 -15.87 -31.89 -7.93
N THR D 196 -15.15 -31.84 -6.81
CA THR D 196 -15.59 -31.14 -5.60
C THR D 196 -14.42 -30.31 -5.09
N CYS D 197 -14.66 -29.04 -4.79
CA CYS D 197 -13.63 -28.27 -4.10
C CYS D 197 -13.85 -28.39 -2.60
N ASN D 198 -12.76 -28.43 -1.87
CA ASN D 198 -12.77 -28.49 -0.41
C ASN D 198 -12.06 -27.24 0.10
N VAL D 199 -12.71 -26.50 0.99
CA VAL D 199 -12.23 -25.20 1.45
C VAL D 199 -12.10 -25.23 2.97
N ALA D 200 -10.87 -25.19 3.46
CA ALA D 200 -10.60 -25.15 4.89
C ALA D 200 -10.29 -23.72 5.32
N HIS D 201 -10.89 -23.30 6.43
CA HIS D 201 -10.66 -21.96 6.99
C HIS D 201 -10.24 -22.15 8.45
N PRO D 202 -8.93 -22.18 8.71
CA PRO D 202 -8.45 -22.56 10.05
C PRO D 202 -8.93 -21.66 11.18
N ALA D 203 -9.16 -20.37 10.92
CA ALA D 203 -9.55 -19.48 12.01
C ALA D 203 -10.95 -19.76 12.53
N SER D 204 -11.86 -20.20 11.66
CA SER D 204 -13.15 -20.70 12.09
C SER D 204 -13.14 -22.21 12.31
N SER D 205 -12.00 -22.85 12.10
CA SER D 205 -11.86 -24.31 12.20
C SER D 205 -12.98 -25.03 11.47
N THR D 206 -13.16 -24.66 10.19
CA THR D 206 -14.18 -25.23 9.34
C THR D 206 -13.56 -25.77 8.06
N LYS D 207 -14.29 -26.69 7.43
CA LYS D 207 -13.89 -27.25 6.14
C LYS D 207 -15.17 -27.67 5.44
N VAL D 208 -15.45 -27.04 4.31
CA VAL D 208 -16.68 -27.25 3.56
C VAL D 208 -16.36 -27.74 2.15
N ASP D 209 -17.33 -28.43 1.55
CA ASP D 209 -17.22 -28.95 0.20
C ASP D 209 -18.23 -28.24 -0.70
N LYS D 210 -17.89 -28.15 -1.99
CA LYS D 210 -18.87 -27.75 -3.00
C LYS D 210 -18.65 -28.58 -4.26
N LYS D 211 -19.63 -29.43 -4.59
CA LYS D 211 -19.55 -30.18 -5.83
C LYS D 211 -19.89 -29.27 -7.02
N ILE D 212 -19.16 -29.45 -8.12
CA ILE D 212 -19.40 -28.68 -9.33
C ILE D 212 -20.40 -29.44 -10.18
N VAL D 213 -21.61 -28.89 -10.32
CA VAL D 213 -22.68 -29.54 -11.09
C VAL D 213 -22.90 -28.78 -12.39
N PRO D 214 -23.19 -29.47 -13.49
CA PRO D 214 -23.46 -28.76 -14.75
C PRO D 214 -24.73 -27.93 -14.63
N ARG D 215 -24.83 -26.93 -15.48
CA ARG D 215 -26.00 -26.06 -15.52
C ARG D 215 -26.98 -26.50 -16.61
N PHE E 2 -20.15 20.11 -13.76
CA PHE E 2 -20.61 19.16 -14.80
C PHE E 2 -21.51 19.79 -15.86
N ARG E 3 -22.56 20.50 -15.42
CA ARG E 3 -23.57 21.11 -16.28
C ARG E 3 -23.84 22.51 -15.71
N HIS E 4 -23.12 23.50 -16.22
CA HIS E 4 -23.09 24.79 -15.54
C HIS E 4 -24.46 25.49 -15.52
N ASP E 5 -25.30 25.25 -16.53
CA ASP E 5 -26.57 25.98 -16.65
C ASP E 5 -27.78 25.10 -16.30
N SER E 6 -27.62 24.18 -15.36
CA SER E 6 -28.66 23.22 -15.04
C SER E 6 -29.58 23.65 -13.89
N GLY E 7 -29.29 24.78 -13.26
CA GLY E 7 -30.06 25.28 -12.15
C GLY E 7 -31.10 26.30 -12.60
N TYR E 8 -31.46 27.20 -11.68
CA TYR E 8 -32.49 28.19 -11.97
C TYR E 8 -32.05 29.13 -13.09
N GLU E 9 -30.82 29.61 -13.04
CA GLU E 9 -30.38 30.67 -13.95
C GLU E 9 -29.65 30.09 -15.16
N VAL E 10 -30.17 30.40 -16.34
CA VAL E 10 -29.52 30.14 -17.62
C VAL E 10 -29.38 31.50 -18.30
N HIS E 11 -28.17 31.81 -18.77
CA HIS E 11 -27.96 33.10 -19.40
C HIS E 11 -28.71 33.19 -20.71
N HIS E 12 -29.30 34.36 -20.98
CA HIS E 12 -30.18 34.54 -22.13
C HIS E 12 -30.24 36.01 -22.52
N PHE F 2 21.82 -19.42 10.18
CA PHE F 2 22.70 -18.30 10.53
C PHE F 2 24.13 -18.74 10.83
N ARG F 3 24.27 -19.77 11.67
CA ARG F 3 25.55 -20.18 12.25
C ARG F 3 25.51 -21.72 12.34
N HIS F 4 25.82 -22.39 11.22
CA HIS F 4 25.47 -23.80 11.07
C HIS F 4 26.17 -24.68 12.08
N ASP F 5 27.43 -24.35 12.41
CA ASP F 5 28.24 -25.20 13.27
C ASP F 5 27.99 -24.95 14.75
N SER F 6 27.04 -24.09 15.09
CA SER F 6 26.63 -23.89 16.47
C SER F 6 25.22 -24.41 16.71
N GLY F 7 24.56 -24.95 15.69
CA GLY F 7 23.21 -25.45 15.86
C GLY F 7 23.14 -26.61 16.84
N TYR F 8 23.98 -27.62 16.63
CA TYR F 8 24.13 -28.68 17.62
C TYR F 8 25.14 -28.25 18.67
N GLU F 9 24.74 -28.37 19.94
CA GLU F 9 25.58 -28.02 21.06
C GLU F 9 25.15 -28.86 22.26
N VAL F 10 26.06 -28.98 23.23
CA VAL F 10 25.76 -29.58 24.52
C VAL F 10 26.15 -28.55 25.59
N HIS F 11 25.18 -28.16 26.41
CA HIS F 11 25.46 -27.25 27.51
C HIS F 11 25.70 -27.96 28.84
N HIS F 12 25.11 -29.15 29.01
CA HIS F 12 25.24 -29.89 30.26
C HIS F 12 25.17 -31.37 29.95
N GLN F 13 26.06 -32.15 30.57
CA GLN F 13 25.97 -33.59 30.45
C GLN F 13 25.00 -34.14 31.51
N LYS F 14 25.29 -33.87 32.78
CA LYS F 14 24.34 -34.15 33.85
C LYS F 14 23.40 -32.96 34.00
N LEU F 15 22.12 -33.26 34.28
CA LEU F 15 21.12 -32.20 34.43
C LEU F 15 21.36 -31.34 35.65
N VAL F 16 21.95 -31.92 36.70
CA VAL F 16 22.19 -31.21 37.96
C VAL F 16 23.65 -31.33 38.39
#